data_4DVB
#
_entry.id   4DVB
#
_cell.length_a   71.177
_cell.length_b   86.628
_cell.length_c   155.331
_cell.angle_alpha   90.00
_cell.angle_beta   90.00
_cell.angle_gamma   90.00
#
_symmetry.space_group_name_H-M   'P 21 21 21'
#
loop_
_entity.id
_entity.type
_entity.pdbx_description
1 polymer 'Fab fragment of pro-uPA antibody mAb-112'
2 polymer 'Fab fragment of pro-uPA antibody mAb-112'
3 non-polymer 'SULFATE ION'
4 non-polymer 'TETRAETHYLENE GLYCOL'
5 water water
#
loop_
_entity_poly.entity_id
_entity_poly.type
_entity_poly.pdbx_seq_one_letter_code
_entity_poly.pdbx_strand_id
1 'polypeptide(L)'
;QVKLQESGGDLVKPGGSLKLSCSASGFTFSRYAMSWVRQTPEKRLEWVASITNGGSTYYSDSVKGRFIISRDNARNILSL
QMSSLRSEDTAMYYCERGELTYAMDYWGQGTTVTVSSAKTTPPSVYPLAPGNSMVTLGCLVKGYFPEPVTVTWNSGSLSS
GVHTFPAVLQSDLYTLSSSVTVPSSTWPSETVTCNVAHPASSTKVDKKIVVKG
;
A,H
2 'polypeptide(L)'
;DIELTQSPAIMSASPGEKVTMTCRASSTVSFHYLHWYQQKSGASPKLWIYATSNLASGVPARFSGSGSGTSYSLTISSVE
TEDAATYYCQHYSAYPRTFGGGTKLEIKRADAAPTVSIFPPSSEQLTSGGASVVCFLNNFYPKDINVKWKIDGSERQNGV
LNSWTDQDSKDSTYSMSSTLTLTKDEYERHNSYTCEATHKTSTSPIVKSFNRNEC
;
B,L
#
# COMPACT_ATOMS: atom_id res chain seq x y z
N GLN A 1 -19.10 0.42 -25.49
CA GLN A 1 -19.55 -0.23 -24.22
C GLN A 1 -18.47 -0.12 -23.13
N VAL A 2 -18.92 -0.13 -21.88
CA VAL A 2 -18.01 -0.02 -20.74
C VAL A 2 -17.30 -1.35 -20.48
N LYS A 3 -15.98 -1.28 -20.35
CA LYS A 3 -15.16 -2.47 -20.17
C LYS A 3 -14.17 -2.26 -19.04
N LEU A 4 -14.06 -3.27 -18.18
CA LEU A 4 -13.10 -3.28 -17.09
C LEU A 4 -12.34 -4.60 -17.16
N GLN A 5 -11.03 -4.52 -17.31
CA GLN A 5 -10.18 -5.71 -17.36
C GLN A 5 -9.17 -5.70 -16.23
N GLU A 6 -9.27 -6.70 -15.36
CA GLU A 6 -8.34 -6.88 -14.26
C GLU A 6 -7.16 -7.73 -14.69
N SER A 7 -5.99 -7.47 -14.11
CA SER A 7 -4.80 -8.27 -14.33
C SER A 7 -3.90 -8.23 -13.10
N GLY A 8 -2.92 -9.13 -13.05
CA GLY A 8 -1.92 -9.10 -11.98
C GLY A 8 -2.04 -10.21 -10.95
N GLY A 9 -3.13 -10.96 -11.02
CA GLY A 9 -3.33 -12.10 -10.13
C GLY A 9 -2.21 -13.14 -10.21
N ASP A 10 -1.82 -13.67 -9.05
CA ASP A 10 -0.68 -14.58 -8.97
C ASP A 10 -0.70 -15.33 -7.64
N LEU A 11 0.20 -16.31 -7.55
CA LEU A 11 0.53 -17.00 -6.31
C LEU A 11 1.61 -16.17 -5.60
N VAL A 12 1.39 -15.90 -4.31
CA VAL A 12 2.31 -15.04 -3.53
C VAL A 12 2.47 -15.64 -2.13
N LYS A 13 3.71 -15.67 -1.64
CA LYS A 13 4.00 -16.11 -0.27
C LYS A 13 3.34 -15.19 0.75
N PRO A 14 2.90 -15.72 1.91
CA PRO A 14 2.41 -14.86 2.98
C PRO A 14 3.46 -13.84 3.39
N GLY A 15 3.04 -12.61 3.62
CA GLY A 15 3.97 -11.51 3.92
C GLY A 15 4.44 -10.76 2.68
N GLY A 16 4.17 -11.35 1.51
CA GLY A 16 4.59 -10.78 0.24
C GLY A 16 3.68 -9.64 -0.23
N SER A 17 4.01 -9.09 -1.39
CA SER A 17 3.21 -8.02 -1.97
C SER A 17 2.83 -8.35 -3.42
N LEU A 18 1.72 -7.78 -3.86
CA LEU A 18 1.22 -8.00 -5.22
C LEU A 18 0.39 -6.80 -5.67
N LYS A 19 0.54 -6.43 -6.94
CA LYS A 19 -0.20 -5.32 -7.53
C LYS A 19 -1.21 -5.82 -8.56
N LEU A 20 -2.47 -5.47 -8.32
CA LEU A 20 -3.55 -5.69 -9.27
C LEU A 20 -3.84 -4.42 -10.06
N SER A 21 -4.16 -4.57 -11.34
CA SER A 21 -4.52 -3.46 -12.21
C SER A 21 -5.89 -3.69 -12.80
N CYS A 22 -6.61 -2.60 -13.04
CA CYS A 22 -7.91 -2.62 -13.71
C CYS A 22 -7.89 -1.54 -14.80
N SER A 23 -7.94 -1.97 -16.06
CA SER A 23 -7.95 -1.04 -17.19
C SER A 23 -9.38 -0.75 -17.63
N ALA A 24 -9.75 0.54 -17.61
CA ALA A 24 -11.12 0.95 -17.90
C ALA A 24 -11.25 1.61 -19.27
N SER A 25 -12.34 1.31 -19.97
CA SER A 25 -12.68 1.96 -21.23
C SER A 25 -14.19 2.06 -21.43
N GLY A 26 -14.62 2.87 -22.41
CA GLY A 26 -16.03 3.01 -22.75
C GLY A 26 -16.80 4.02 -21.91
N PHE A 27 -16.08 4.78 -21.09
CA PHE A 27 -16.67 5.84 -20.27
C PHE A 27 -15.59 6.82 -19.82
N THR A 28 -16.02 7.98 -19.32
CA THR A 28 -15.08 8.97 -18.79
C THR A 28 -14.68 8.60 -17.35
N PHE A 29 -13.53 7.94 -17.26
CA PHE A 29 -13.02 7.32 -16.03
C PHE A 29 -12.89 8.30 -14.87
N SER A 30 -12.44 9.52 -15.17
CA SER A 30 -12.19 10.55 -14.14
C SER A 30 -13.45 11.06 -13.44
N ARG A 31 -14.62 10.74 -13.98
CA ARG A 31 -15.90 11.18 -13.41
C ARG A 31 -16.47 10.22 -12.34
N TYR A 32 -15.93 9.01 -12.26
CA TYR A 32 -16.52 7.95 -11.43
C TYR A 32 -15.66 7.51 -10.25
N ALA A 33 -16.33 7.25 -9.12
CA ALA A 33 -15.74 6.46 -8.04
C ALA A 33 -15.49 5.04 -8.58
N MET A 34 -14.50 4.37 -8.01
CA MET A 34 -14.14 3.02 -8.44
C MET A 34 -13.91 2.16 -7.21
N SER A 35 -14.17 0.85 -7.33
CA SER A 35 -14.05 -0.05 -6.19
C SER A 35 -13.36 -1.36 -6.54
N TRP A 36 -12.93 -2.06 -5.49
CA TRP A 36 -12.49 -3.45 -5.58
C TRP A 36 -13.36 -4.27 -4.64
N VAL A 37 -13.76 -5.45 -5.12
CA VAL A 37 -14.51 -6.42 -4.33
C VAL A 37 -13.88 -7.78 -4.58
N ARG A 38 -13.79 -8.59 -3.53
CA ARG A 38 -13.18 -9.92 -3.63
C ARG A 38 -14.24 -11.00 -3.38
N GLN A 39 -14.01 -12.20 -3.92
CA GLN A 39 -14.89 -13.33 -3.63
C GLN A 39 -14.05 -14.52 -3.22
N THR A 40 -14.31 -15.01 -2.01
CA THR A 40 -13.58 -16.10 -1.39
C THR A 40 -13.94 -17.42 -2.08
N PRO A 41 -13.16 -18.49 -1.83
CA PRO A 41 -13.55 -19.80 -2.36
C PRO A 41 -14.96 -20.21 -1.92
N GLU A 42 -15.38 -19.77 -0.73
CA GLU A 42 -16.74 -20.01 -0.21
C GLU A 42 -17.83 -19.18 -0.89
N LYS A 43 -17.45 -18.42 -1.93
CA LYS A 43 -18.39 -17.62 -2.73
C LYS A 43 -19.00 -16.40 -2.01
N ARG A 44 -18.45 -16.10 -0.84
CA ARG A 44 -18.82 -14.91 -0.07
C ARG A 44 -18.27 -13.65 -0.76
N LEU A 45 -19.14 -12.70 -1.08
CA LEU A 45 -18.71 -11.40 -1.65
C LEU A 45 -18.31 -10.44 -0.54
N GLU A 46 -17.15 -9.80 -0.72
CA GLU A 46 -16.53 -9.00 0.32
C GLU A 46 -15.90 -7.74 -0.28
N TRP A 47 -16.43 -6.58 0.14
CA TRP A 47 -15.89 -5.29 -0.32
C TRP A 47 -14.48 -5.10 0.22
N VAL A 48 -13.59 -4.58 -0.64
CA VAL A 48 -12.18 -4.38 -0.27
C VAL A 48 -11.85 -2.90 -0.05
N ALA A 49 -12.12 -2.08 -1.07
CA ALA A 49 -11.81 -0.66 -1.03
C ALA A 49 -12.55 0.11 -2.12
N SER A 50 -12.69 1.42 -1.90
CA SER A 50 -13.24 2.34 -2.90
C SER A 50 -12.43 3.62 -2.94
N ILE A 51 -12.48 4.29 -4.08
CA ILE A 51 -11.79 5.57 -4.27
C ILE A 51 -12.68 6.51 -5.08
N THR A 52 -12.88 7.72 -4.57
CA THR A 52 -13.71 8.70 -5.26
C THR A 52 -12.98 9.22 -6.49
N ASN A 53 -13.66 10.00 -7.32
CA ASN A 53 -13.00 10.55 -8.49
C ASN A 53 -11.92 11.58 -8.12
N GLY A 54 -12.13 12.27 -6.99
CA GLY A 54 -11.12 13.18 -6.41
C GLY A 54 -9.97 12.50 -5.67
N GLY A 55 -10.07 11.19 -5.46
CA GLY A 55 -8.98 10.41 -4.89
C GLY A 55 -9.08 10.06 -3.42
N SER A 56 -10.23 10.34 -2.78
CA SER A 56 -10.46 9.95 -1.39
C SER A 56 -10.65 8.43 -1.28
N THR A 57 -9.96 7.83 -0.32
CA THR A 57 -9.92 6.38 -0.21
C THR A 57 -10.71 5.85 1.00
N TYR A 58 -11.24 4.65 0.84
CA TYR A 58 -11.99 3.94 1.88
C TYR A 58 -11.63 2.48 1.80
N TYR A 59 -11.35 1.88 2.95
CA TYR A 59 -10.91 0.50 3.02
C TYR A 59 -11.75 -0.28 4.01
N SER A 60 -11.91 -1.57 3.75
CA SER A 60 -12.52 -2.46 4.71
C SER A 60 -11.55 -2.73 5.85
N ASP A 61 -12.09 -3.03 7.03
CA ASP A 61 -11.27 -3.30 8.21
C ASP A 61 -10.36 -4.52 8.07
N SER A 62 -10.71 -5.41 7.13
CA SER A 62 -9.92 -6.59 6.82
C SER A 62 -8.58 -6.28 6.13
N VAL A 63 -8.50 -5.14 5.45
CA VAL A 63 -7.32 -4.81 4.64
C VAL A 63 -6.62 -3.49 5.01
N LYS A 64 -7.21 -2.81 5.99
CA LYS A 64 -6.72 -1.54 6.54
C LYS A 64 -5.25 -1.68 6.97
N GLY A 65 -4.42 -0.73 6.55
CA GLY A 65 -3.00 -0.73 6.87
C GLY A 65 -2.14 -1.50 5.88
N ARG A 66 -2.76 -2.42 5.13
CA ARG A 66 -2.03 -3.34 4.26
C ARG A 66 -2.21 -3.11 2.75
N PHE A 67 -3.42 -2.69 2.36
CA PHE A 67 -3.78 -2.53 0.96
C PHE A 67 -3.79 -1.06 0.63
N ILE A 68 -3.45 -0.74 -0.62
CA ILE A 68 -3.54 0.63 -1.12
C ILE A 68 -4.38 0.63 -2.38
N ILE A 69 -5.43 1.46 -2.39
CA ILE A 69 -6.17 1.69 -3.63
C ILE A 69 -5.74 3.03 -4.22
N SER A 70 -5.46 3.04 -5.51
CA SER A 70 -5.01 4.26 -6.20
C SER A 70 -5.52 4.30 -7.63
N ARG A 71 -5.43 5.46 -8.26
CA ARG A 71 -5.93 5.60 -9.62
C ARG A 71 -5.05 6.52 -10.47
N ASP A 72 -5.15 6.34 -11.78
CA ASP A 72 -4.50 7.23 -12.72
C ASP A 72 -5.50 7.63 -13.78
N ASN A 73 -6.04 8.85 -13.63
CA ASN A 73 -7.06 9.38 -14.53
C ASN A 73 -6.58 9.67 -15.95
N ALA A 74 -5.27 9.74 -16.15
CA ALA A 74 -4.70 9.95 -17.48
C ALA A 74 -4.62 8.64 -18.27
N ARG A 75 -4.27 7.55 -17.57
CA ARG A 75 -4.11 6.24 -18.16
C ARG A 75 -5.41 5.42 -18.08
N ASN A 76 -6.39 5.91 -17.32
CA ASN A 76 -7.64 5.19 -17.05
C ASN A 76 -7.39 3.82 -16.40
N ILE A 77 -6.60 3.83 -15.34
CA ILE A 77 -6.22 2.61 -14.63
C ILE A 77 -6.54 2.73 -13.15
N LEU A 78 -7.26 1.72 -12.64
CA LEU A 78 -7.46 1.56 -11.20
C LEU A 78 -6.50 0.49 -10.69
N SER A 79 -5.83 0.78 -9.58
CA SER A 79 -4.84 -0.15 -9.01
C SER A 79 -5.19 -0.58 -7.60
N LEU A 80 -4.75 -1.77 -7.23
CA LEU A 80 -4.75 -2.22 -5.85
C LEU A 80 -3.40 -2.83 -5.52
N GLN A 81 -2.68 -2.22 -4.59
CA GLN A 81 -1.44 -2.81 -4.09
C GLN A 81 -1.64 -3.46 -2.73
N MET A 82 -1.33 -4.75 -2.68
CA MET A 82 -1.53 -5.52 -1.48
C MET A 82 -0.17 -5.84 -0.88
N SER A 83 0.08 -5.39 0.34
CA SER A 83 1.33 -5.72 1.04
C SER A 83 1.00 -6.57 2.26
N SER A 84 2.03 -7.18 2.86
CA SER A 84 1.85 -8.04 4.03
C SER A 84 0.69 -9.01 3.81
N LEU A 85 0.68 -9.66 2.64
CA LEU A 85 -0.44 -10.53 2.26
C LEU A 85 -0.65 -11.68 3.25
N ARG A 86 -1.91 -12.04 3.46
CA ARG A 86 -2.28 -13.13 4.37
C ARG A 86 -2.99 -14.23 3.59
N SER A 87 -2.97 -15.44 4.14
CA SER A 87 -3.67 -16.59 3.59
C SER A 87 -5.12 -16.22 3.29
N GLU A 88 -5.71 -15.46 4.21
CA GLU A 88 -7.11 -15.05 4.13
C GLU A 88 -7.42 -14.07 2.98
N ASP A 89 -6.37 -13.55 2.33
CA ASP A 89 -6.56 -12.68 1.17
C ASP A 89 -6.78 -13.46 -0.13
N THR A 90 -6.66 -14.78 -0.07
CA THR A 90 -6.91 -15.64 -1.21
C THR A 90 -8.34 -15.47 -1.68
N ALA A 91 -8.51 -15.07 -2.95
CA ALA A 91 -9.83 -14.77 -3.49
C ALA A 91 -9.75 -14.33 -4.95
N MET A 92 -10.91 -14.29 -5.60
CA MET A 92 -11.06 -13.63 -6.88
C MET A 92 -11.30 -12.15 -6.63
N TYR A 93 -10.56 -11.29 -7.33
CA TYR A 93 -10.68 -9.85 -7.14
C TYR A 93 -11.32 -9.19 -8.35
N TYR A 94 -12.38 -8.43 -8.12
CA TYR A 94 -13.10 -7.73 -9.19
C TYR A 94 -12.98 -6.23 -9.04
N CYS A 95 -12.89 -5.55 -10.17
CA CYS A 95 -12.89 -4.09 -10.25
C CYS A 95 -14.30 -3.62 -10.67
N GLU A 96 -14.79 -2.57 -10.02
CA GLU A 96 -16.13 -2.05 -10.32
C GLU A 96 -16.12 -0.55 -10.55
N ARG A 97 -16.97 -0.11 -11.47
CA ARG A 97 -17.34 1.29 -11.52
C ARG A 97 -18.32 1.56 -10.38
N GLY A 98 -18.13 2.68 -9.69
CA GLY A 98 -18.99 3.03 -8.57
C GLY A 98 -18.49 2.53 -7.24
N GLU A 99 -19.35 2.59 -6.22
CA GLU A 99 -18.97 2.24 -4.85
C GLU A 99 -20.20 1.83 -4.03
N LEU A 100 -20.04 1.70 -2.71
CA LEU A 100 -21.07 1.09 -1.89
C LEU A 100 -22.36 1.89 -1.75
N THR A 101 -22.27 3.22 -1.72
CA THR A 101 -23.43 4.06 -1.46
C THR A 101 -24.46 4.05 -2.60
N TYR A 102 -24.03 4.40 -3.80
CA TYR A 102 -24.94 4.52 -4.94
C TYR A 102 -24.95 3.26 -5.82
N ALA A 103 -24.18 2.25 -5.40
CA ALA A 103 -24.10 0.95 -6.07
C ALA A 103 -22.93 0.84 -7.05
N MET A 104 -22.55 -0.39 -7.34
CA MET A 104 -21.49 -0.70 -8.29
C MET A 104 -22.11 -1.22 -9.57
N ASP A 105 -22.14 -0.36 -10.60
CA ASP A 105 -22.97 -0.62 -11.77
C ASP A 105 -22.33 -1.45 -12.89
N TYR A 106 -21.00 -1.56 -12.88
CA TYR A 106 -20.29 -2.44 -13.82
C TYR A 106 -19.14 -3.13 -13.10
N TRP A 107 -18.96 -4.41 -13.40
CA TRP A 107 -17.92 -5.24 -12.79
C TRP A 107 -17.08 -5.91 -13.87
N GLY A 108 -15.76 -5.95 -13.68
CA GLY A 108 -14.88 -6.70 -14.57
C GLY A 108 -14.99 -8.20 -14.30
N GLN A 109 -14.29 -9.02 -15.08
CA GLN A 109 -14.38 -10.47 -14.88
C GLN A 109 -13.43 -11.03 -13.81
N GLY A 110 -12.51 -10.21 -13.32
CA GLY A 110 -11.70 -10.53 -12.13
C GLY A 110 -10.32 -11.13 -12.36
N THR A 111 -9.49 -11.13 -11.30
CA THR A 111 -8.21 -11.85 -11.28
C THR A 111 -8.09 -12.66 -10.00
N THR A 112 -7.51 -13.86 -10.12
CA THR A 112 -7.36 -14.75 -8.98
C THR A 112 -6.06 -14.50 -8.22
N VAL A 113 -6.13 -14.50 -6.90
CA VAL A 113 -4.96 -14.35 -6.05
C VAL A 113 -4.94 -15.49 -5.03
N THR A 114 -3.82 -16.20 -4.93
CA THR A 114 -3.65 -17.15 -3.83
C THR A 114 -2.38 -16.91 -3.05
N VAL A 115 -2.57 -16.85 -1.73
CA VAL A 115 -1.50 -16.59 -0.81
C VAL A 115 -1.20 -17.89 -0.08
N SER A 116 -0.02 -18.44 -0.36
CA SER A 116 0.39 -19.77 0.11
C SER A 116 1.91 -19.90 0.07
N SER A 117 2.46 -20.69 0.99
CA SER A 117 3.89 -21.02 1.01
C SER A 117 4.25 -22.15 0.04
N ALA A 118 3.25 -22.86 -0.45
CA ALA A 118 3.47 -23.94 -1.41
C ALA A 118 3.94 -23.36 -2.75
N LYS A 119 4.90 -24.04 -3.37
CA LYS A 119 5.41 -23.59 -4.65
C LYS A 119 4.52 -24.06 -5.80
N THR A 120 4.65 -23.37 -6.93
CA THR A 120 3.85 -23.67 -8.10
C THR A 120 4.25 -25.00 -8.75
N THR A 121 3.24 -25.77 -9.14
CA THR A 121 3.43 -26.96 -9.98
C THR A 121 2.60 -26.79 -11.24
N PRO A 122 3.25 -26.79 -12.42
CA PRO A 122 2.48 -26.68 -13.67
C PRO A 122 1.73 -28.00 -13.95
N PRO A 123 0.65 -27.95 -14.73
CA PRO A 123 -0.11 -29.18 -14.96
C PRO A 123 0.51 -30.05 -16.05
N SER A 124 0.25 -31.35 -15.97
CA SER A 124 0.45 -32.26 -17.09
C SER A 124 -0.86 -32.34 -17.86
N VAL A 125 -0.82 -32.23 -19.17
CA VAL A 125 -2.05 -32.19 -19.97
C VAL A 125 -2.10 -33.42 -20.88
N TYR A 126 -3.21 -34.15 -20.81
CA TYR A 126 -3.38 -35.39 -21.56
C TYR A 126 -4.64 -35.40 -22.43
N PRO A 127 -4.49 -35.83 -23.69
CA PRO A 127 -5.64 -35.87 -24.60
C PRO A 127 -6.54 -37.08 -24.34
N LEU A 128 -7.85 -36.85 -24.45
CA LEU A 128 -8.81 -37.95 -24.29
C LEU A 128 -9.58 -38.15 -25.59
N ALA A 129 -9.14 -39.15 -26.35
CA ALA A 129 -9.79 -39.52 -27.60
C ALA A 129 -10.66 -40.76 -27.32
N PRO A 130 -11.73 -40.96 -28.11
CA PRO A 130 -12.61 -42.11 -27.88
C PRO A 130 -11.83 -43.42 -27.98
N GLY A 131 -12.27 -44.43 -27.22
CA GLY A 131 -11.64 -45.75 -27.22
C GLY A 131 -11.83 -46.51 -28.53
N SER A 133 -22.87 -39.55 -35.27
CA SER A 133 -23.38 -38.22 -35.61
C SER A 133 -22.62 -37.13 -34.84
N MET A 134 -22.37 -37.38 -33.57
CA MET A 134 -21.68 -36.43 -32.72
C MET A 134 -20.63 -37.16 -31.89
N VAL A 135 -19.48 -36.52 -31.66
CA VAL A 135 -18.39 -37.12 -30.90
C VAL A 135 -17.97 -36.20 -29.77
N THR A 136 -17.77 -36.78 -28.59
CA THR A 136 -17.23 -36.02 -27.48
C THR A 136 -15.77 -36.38 -27.21
N LEU A 137 -14.96 -35.35 -27.02
CA LEU A 137 -13.52 -35.48 -26.79
C LEU A 137 -13.21 -34.85 -25.45
N GLY A 138 -12.10 -35.26 -24.85
CA GLY A 138 -11.73 -34.78 -23.53
C GLY A 138 -10.32 -34.26 -23.40
N CYS A 139 -10.09 -33.50 -22.33
CA CYS A 139 -8.77 -33.00 -22.00
C CYS A 139 -8.59 -33.15 -20.49
N LEU A 140 -7.53 -33.83 -20.07
CA LEU A 140 -7.26 -34.03 -18.66
C LEU A 140 -6.08 -33.17 -18.25
N VAL A 141 -6.32 -32.23 -17.33
CA VAL A 141 -5.23 -31.39 -16.83
C VAL A 141 -4.95 -31.70 -15.37
N LYS A 142 -3.81 -32.34 -15.14
CA LYS A 142 -3.56 -33.06 -13.91
C LYS A 142 -2.36 -32.54 -13.12
N GLY A 143 -2.52 -32.51 -11.79
CA GLY A 143 -1.42 -32.30 -10.86
C GLY A 143 -0.82 -30.90 -10.85
N TYR A 144 -1.67 -29.89 -10.74
CA TYR A 144 -1.17 -28.51 -10.72
C TYR A 144 -1.53 -27.76 -9.43
N PHE A 145 -0.77 -26.70 -9.16
CA PHE A 145 -1.05 -25.80 -8.05
C PHE A 145 -0.46 -24.43 -8.38
N PRO A 146 -1.21 -23.35 -8.09
CA PRO A 146 -2.57 -23.33 -7.57
C PRO A 146 -3.60 -23.23 -8.68
N GLU A 147 -4.87 -23.16 -8.30
CA GLU A 147 -5.91 -22.66 -9.19
C GLU A 147 -5.60 -21.20 -9.51
N PRO A 148 -6.02 -20.71 -10.70
CA PRO A 148 -6.78 -21.41 -11.73
C PRO A 148 -5.95 -21.90 -12.93
N VAL A 149 -6.56 -22.78 -13.71
CA VAL A 149 -6.15 -22.99 -15.10
C VAL A 149 -7.25 -22.42 -16.01
N THR A 150 -6.86 -22.02 -17.21
CA THR A 150 -7.80 -21.60 -18.24
C THR A 150 -7.76 -22.64 -19.34
N VAL A 151 -8.93 -23.22 -19.64
CA VAL A 151 -9.03 -24.26 -20.65
C VAL A 151 -9.89 -23.75 -21.81
N THR A 152 -9.32 -23.78 -23.02
CA THR A 152 -10.09 -23.47 -24.21
C THR A 152 -9.90 -24.57 -25.26
N TRP A 153 -10.79 -24.57 -26.25
CA TRP A 153 -10.73 -25.52 -27.35
C TRP A 153 -10.59 -24.75 -28.67
N ASN A 154 -9.62 -25.18 -29.49
CA ASN A 154 -9.24 -24.45 -30.70
C ASN A 154 -9.10 -22.94 -30.47
N SER A 155 -8.34 -22.59 -29.43
CA SER A 155 -8.07 -21.19 -29.07
C SER A 155 -9.36 -20.39 -28.88
N GLY A 156 -10.40 -21.03 -28.34
CA GLY A 156 -11.67 -20.37 -28.05
C GLY A 156 -12.67 -20.37 -29.20
N SER A 157 -12.32 -20.99 -30.32
CA SER A 157 -13.23 -21.06 -31.48
C SER A 157 -14.37 -22.05 -31.28
N LEU A 158 -14.12 -23.13 -30.54
CA LEU A 158 -15.16 -24.04 -30.11
C LEU A 158 -15.68 -23.59 -28.75
N SER A 159 -16.82 -22.92 -28.75
CA SER A 159 -17.41 -22.33 -27.55
C SER A 159 -18.57 -23.18 -27.04
N SER A 160 -19.48 -23.55 -27.93
CA SER A 160 -20.63 -24.36 -27.54
C SER A 160 -20.23 -25.82 -27.46
N GLY A 161 -20.98 -26.57 -26.66
CA GLY A 161 -20.73 -27.99 -26.48
C GLY A 161 -19.55 -28.31 -25.60
N VAL A 162 -19.02 -27.32 -24.88
CA VAL A 162 -17.95 -27.58 -23.90
C VAL A 162 -18.40 -27.52 -22.44
N HIS A 163 -17.86 -28.46 -21.67
CA HIS A 163 -18.05 -28.52 -20.23
C HIS A 163 -16.69 -28.62 -19.56
N THR A 164 -16.31 -27.59 -18.81
CA THR A 164 -15.09 -27.63 -18.01
C THR A 164 -15.46 -27.76 -16.54
N PHE A 165 -14.99 -28.83 -15.92
CA PHE A 165 -15.42 -29.23 -14.59
C PHE A 165 -14.53 -28.63 -13.51
N PRO A 166 -15.14 -28.26 -12.36
CA PRO A 166 -14.35 -27.74 -11.24
C PRO A 166 -13.24 -28.70 -10.83
N ALA A 167 -12.07 -28.15 -10.55
CA ALA A 167 -10.92 -28.93 -10.12
C ALA A 167 -11.20 -29.67 -8.82
N VAL A 168 -10.59 -30.84 -8.69
CA VAL A 168 -10.64 -31.60 -7.45
C VAL A 168 -9.23 -31.61 -6.85
N LEU A 169 -9.17 -31.36 -5.54
CA LEU A 169 -7.90 -31.32 -4.82
C LEU A 169 -7.62 -32.66 -4.17
N GLN A 170 -6.46 -33.23 -4.49
CA GLN A 170 -5.96 -34.43 -3.81
C GLN A 170 -4.44 -34.39 -3.70
N SER A 171 -3.92 -34.78 -2.53
CA SER A 171 -2.49 -34.74 -2.24
C SER A 171 -1.85 -33.40 -2.57
N ASP A 172 -2.53 -32.31 -2.18
CA ASP A 172 -2.05 -30.92 -2.36
C ASP A 172 -1.96 -30.46 -3.82
N LEU A 173 -2.57 -31.23 -4.72
CA LEU A 173 -2.57 -30.93 -6.15
C LEU A 173 -3.97 -31.01 -6.75
N TYR A 174 -4.26 -30.09 -7.68
CA TYR A 174 -5.54 -30.07 -8.38
C TYR A 174 -5.50 -30.86 -9.68
N THR A 175 -6.67 -31.39 -10.06
CA THR A 175 -6.87 -32.03 -11.34
C THR A 175 -8.26 -31.66 -11.86
N LEU A 176 -8.33 -31.25 -13.13
CA LEU A 176 -9.62 -31.06 -13.77
C LEU A 176 -9.67 -31.69 -15.16
N SER A 177 -10.89 -31.85 -15.66
CA SER A 177 -11.12 -32.35 -17.01
C SER A 177 -12.02 -31.38 -17.76
N SER A 178 -11.94 -31.40 -19.09
CA SER A 178 -12.83 -30.64 -19.95
C SER A 178 -13.33 -31.53 -21.09
N SER A 179 -14.62 -31.47 -21.37
CA SER A 179 -15.19 -32.19 -22.51
C SER A 179 -15.66 -31.22 -23.58
N VAL A 180 -15.56 -31.65 -24.83
CA VAL A 180 -16.10 -30.90 -25.96
C VAL A 180 -16.80 -31.86 -26.94
N THR A 181 -17.97 -31.44 -27.43
CA THR A 181 -18.77 -32.27 -28.33
C THR A 181 -18.94 -31.57 -29.67
N VAL A 182 -18.48 -32.23 -30.73
CA VAL A 182 -18.55 -31.71 -32.10
C VAL A 182 -19.22 -32.72 -33.03
N PRO A 183 -19.73 -32.27 -34.20
CA PRO A 183 -20.27 -33.22 -35.19
C PRO A 183 -19.19 -34.20 -35.64
N SER A 184 -19.56 -35.47 -35.77
CA SER A 184 -18.59 -36.53 -36.11
C SER A 184 -17.95 -36.35 -37.49
N SER A 185 -18.56 -35.52 -38.33
CA SER A 185 -18.02 -35.17 -39.63
C SER A 185 -16.86 -34.17 -39.51
N THR A 186 -16.72 -33.53 -38.35
CA THR A 186 -15.69 -32.51 -38.16
C THR A 186 -14.43 -33.00 -37.44
N TRP A 187 -14.50 -34.21 -36.87
CA TRP A 187 -13.34 -34.84 -36.21
C TRP A 187 -13.33 -36.33 -36.50
N PRO A 188 -12.16 -36.90 -36.82
CA PRO A 188 -10.83 -36.29 -36.88
C PRO A 188 -10.52 -35.49 -38.15
N SER A 189 -11.51 -35.36 -39.04
CA SER A 189 -11.36 -34.59 -40.28
C SER A 189 -10.64 -33.27 -40.07
N GLU A 190 -11.12 -32.50 -39.10
CA GLU A 190 -10.55 -31.19 -38.78
C GLU A 190 -9.95 -31.23 -37.38
N THR A 191 -9.06 -30.28 -37.11
CA THR A 191 -8.27 -30.28 -35.88
C THR A 191 -9.10 -29.84 -34.68
N VAL A 192 -9.01 -30.63 -33.61
CA VAL A 192 -9.50 -30.22 -32.29
C VAL A 192 -8.34 -30.26 -31.31
N THR A 193 -7.99 -29.11 -30.75
CA THR A 193 -6.90 -29.05 -29.77
C THR A 193 -7.30 -28.37 -28.46
N CYS A 194 -6.86 -28.95 -27.36
CA CYS A 194 -7.08 -28.42 -26.01
C CYS A 194 -5.97 -27.42 -25.68
N ASN A 195 -6.34 -26.19 -25.31
CA ASN A 195 -5.37 -25.18 -24.89
C ASN A 195 -5.48 -24.91 -23.39
N VAL A 196 -4.38 -25.11 -22.69
CA VAL A 196 -4.36 -24.94 -21.24
C VAL A 196 -3.40 -23.80 -20.86
N ALA A 197 -3.90 -22.88 -20.05
CA ALA A 197 -3.07 -21.80 -19.51
C ALA A 197 -3.04 -21.90 -17.99
N HIS A 198 -1.83 -21.84 -17.44
CA HIS A 198 -1.63 -21.81 -15.99
C HIS A 198 -0.79 -20.58 -15.64
N PRO A 199 -1.48 -19.46 -15.32
CA PRO A 199 -0.79 -18.19 -15.08
C PRO A 199 0.28 -18.25 -13.99
N ALA A 200 0.00 -18.95 -12.89
CA ALA A 200 0.91 -18.99 -11.73
C ALA A 200 2.28 -19.59 -12.05
N SER A 201 2.33 -20.54 -12.99
CA SER A 201 3.61 -21.09 -13.44
C SER A 201 4.04 -20.54 -14.81
N SER A 202 3.32 -19.52 -15.29
CA SER A 202 3.56 -18.92 -16.60
C SER A 202 3.71 -19.99 -17.69
N THR A 203 2.75 -20.92 -17.73
CA THR A 203 2.80 -22.04 -18.66
C THR A 203 1.56 -22.06 -19.55
N LYS A 204 1.77 -22.36 -20.82
CA LYS A 204 0.68 -22.65 -21.77
C LYS A 204 0.99 -23.97 -22.45
N VAL A 205 -0.03 -24.82 -22.60
CA VAL A 205 0.14 -26.14 -23.23
C VAL A 205 -0.98 -26.36 -24.25
N ASP A 206 -0.60 -26.70 -25.48
CA ASP A 206 -1.55 -27.09 -26.51
C ASP A 206 -1.43 -28.59 -26.77
N LYS A 207 -2.57 -29.27 -26.73
CA LYS A 207 -2.58 -30.72 -26.90
C LYS A 207 -3.65 -31.10 -27.92
N LYS A 208 -3.19 -31.46 -29.12
CA LYS A 208 -4.09 -31.94 -30.18
C LYS A 208 -4.71 -33.27 -29.79
N ILE A 209 -6.03 -33.39 -29.99
CA ILE A 209 -6.71 -34.65 -29.77
C ILE A 209 -6.56 -35.48 -31.03
N VAL A 210 -5.83 -36.58 -30.92
CA VAL A 210 -5.55 -37.44 -32.06
C VAL A 210 -6.21 -38.81 -31.87
N VAL A 211 -6.71 -39.35 -32.98
CA VAL A 211 -7.37 -40.66 -33.00
C VAL A 211 -6.55 -41.73 -32.28
N LYS A 212 -7.22 -42.53 -31.46
CA LYS A 212 -6.70 -43.75 -30.80
C LYS A 212 -6.83 -43.79 -29.27
N GLY A 213 -7.79 -44.60 -28.79
CA GLY A 213 -7.93 -44.90 -27.36
C GLY A 213 -7.98 -43.70 -26.43
N ASP B 1 -22.80 -3.01 15.10
CA ASP B 1 -22.90 -4.25 14.29
C ASP B 1 -24.28 -4.34 13.62
N ILE B 2 -24.32 -4.46 12.30
CA ILE B 2 -25.58 -4.64 11.58
C ILE B 2 -25.44 -5.55 10.34
N GLU B 3 -26.18 -6.65 10.36
CA GLU B 3 -26.05 -7.71 9.36
C GLU B 3 -27.25 -7.75 8.42
N LEU B 4 -26.98 -8.05 7.15
CA LEU B 4 -28.02 -8.36 6.20
C LEU B 4 -28.14 -9.88 6.10
N THR B 5 -29.32 -10.40 6.46
CA THR B 5 -29.58 -11.84 6.34
C THR B 5 -30.49 -12.07 5.15
N GLN B 6 -30.07 -12.98 4.28
CA GLN B 6 -30.90 -13.37 3.14
C GLN B 6 -31.52 -14.75 3.32
N SER B 7 -32.80 -14.85 2.96
CA SER B 7 -33.55 -16.10 3.03
C SER B 7 -34.40 -16.26 1.77
N PRO B 8 -34.47 -17.50 1.22
CA PRO B 8 -33.75 -18.68 1.67
C PRO B 8 -32.33 -18.68 1.11
N ALA B 9 -31.41 -19.40 1.74
CA ALA B 9 -30.05 -19.48 1.22
C ALA B 9 -30.05 -20.20 -0.13
N ILE B 10 -30.94 -21.21 -0.24
CA ILE B 10 -31.14 -21.96 -1.47
C ILE B 10 -32.63 -22.09 -1.75
N MET B 11 -33.01 -21.84 -3.01
CA MET B 11 -34.39 -22.01 -3.46
C MET B 11 -34.40 -22.76 -4.78
N SER B 12 -35.42 -23.58 -4.99
CA SER B 12 -35.67 -24.20 -6.28
C SER B 12 -37.06 -23.81 -6.76
N ALA B 13 -37.17 -23.44 -8.04
CA ALA B 13 -38.45 -23.02 -8.65
C ALA B 13 -38.59 -23.52 -10.07
N SER B 14 -39.83 -23.64 -10.53
CA SER B 14 -40.15 -24.06 -11.90
C SER B 14 -40.49 -22.86 -12.78
N PRO B 15 -40.15 -22.93 -14.09
CA PRO B 15 -40.46 -21.81 -14.98
C PRO B 15 -41.93 -21.42 -14.91
N GLY B 16 -42.19 -20.13 -14.79
CA GLY B 16 -43.56 -19.63 -14.67
C GLY B 16 -43.98 -19.30 -13.24
N GLU B 17 -43.27 -19.82 -12.26
CA GLU B 17 -43.59 -19.55 -10.86
C GLU B 17 -43.14 -18.15 -10.44
N LYS B 18 -43.90 -17.56 -9.52
CA LYS B 18 -43.49 -16.34 -8.84
C LYS B 18 -42.58 -16.71 -7.67
N VAL B 19 -41.41 -16.08 -7.59
CA VAL B 19 -40.51 -16.34 -6.47
C VAL B 19 -40.16 -15.05 -5.74
N THR B 20 -40.08 -15.14 -4.42
CA THR B 20 -39.70 -14.00 -3.58
C THR B 20 -38.56 -14.44 -2.67
N MET B 21 -37.60 -13.54 -2.50
CA MET B 21 -36.48 -13.77 -1.60
C MET B 21 -36.30 -12.51 -0.76
N THR B 22 -35.86 -12.67 0.48
CA THR B 22 -35.82 -11.54 1.41
C THR B 22 -34.42 -11.16 1.88
N CYS B 23 -34.28 -9.90 2.27
CA CYS B 23 -33.04 -9.34 2.79
C CYS B 23 -33.44 -8.52 4.01
N ARG B 24 -33.02 -8.97 5.19
CA ARG B 24 -33.39 -8.32 6.44
C ARG B 24 -32.17 -7.81 7.20
N ALA B 25 -32.26 -6.57 7.68
CA ALA B 25 -31.18 -5.92 8.40
C ALA B 25 -31.39 -5.97 9.92
N SER B 26 -30.29 -6.00 10.68
CA SER B 26 -30.35 -5.97 12.15
C SER B 26 -31.06 -4.73 12.69
N SER B 27 -30.70 -3.58 12.12
CA SER B 27 -31.35 -2.32 12.48
C SER B 27 -31.62 -1.51 11.21
N THR B 28 -32.45 -0.48 11.33
CA THR B 28 -32.95 0.24 10.17
C THR B 28 -31.88 0.75 9.20
N VAL B 29 -32.21 0.62 7.93
CA VAL B 29 -31.30 0.88 6.84
C VAL B 29 -32.09 1.68 5.81
N SER B 30 -31.45 2.68 5.19
CA SER B 30 -32.15 3.55 4.25
C SER B 30 -32.42 2.87 2.90
N PHE B 31 -33.69 2.87 2.49
CA PHE B 31 -34.12 2.24 1.24
C PHE B 31 -33.46 2.87 -0.01
N HIS B 32 -33.04 4.13 0.12
CA HIS B 32 -32.37 4.84 -0.96
C HIS B 32 -31.09 4.12 -1.42
N TYR B 33 -30.51 3.32 -0.53
CA TYR B 33 -29.17 2.75 -0.77
C TYR B 33 -29.12 1.22 -0.63
N LEU B 34 -30.29 0.57 -0.60
CA LEU B 34 -30.36 -0.89 -0.60
C LEU B 34 -30.30 -1.38 -2.04
N HIS B 35 -29.31 -2.22 -2.35
CA HIS B 35 -29.09 -2.67 -3.73
C HIS B 35 -29.08 -4.18 -3.85
N TRP B 36 -29.37 -4.68 -5.05
CA TRP B 36 -29.29 -6.12 -5.34
C TRP B 36 -28.38 -6.39 -6.54
N TYR B 37 -27.60 -7.47 -6.47
CA TYR B 37 -26.77 -7.91 -7.59
C TYR B 37 -27.09 -9.36 -7.95
N GLN B 38 -27.01 -9.67 -9.24
CA GLN B 38 -27.16 -11.04 -9.72
C GLN B 38 -25.81 -11.60 -10.18
N GLN B 39 -25.47 -12.81 -9.71
CA GLN B 39 -24.26 -13.47 -10.19
C GLN B 39 -24.54 -14.87 -10.76
N LYS B 40 -24.23 -15.03 -12.03
CA LYS B 40 -24.35 -16.31 -12.70
C LYS B 40 -23.05 -17.07 -12.62
N SER B 41 -23.14 -18.39 -12.64
CA SER B 41 -21.98 -19.27 -12.51
C SER B 41 -20.90 -18.96 -13.53
N GLY B 42 -19.66 -18.93 -13.06
CA GLY B 42 -18.50 -18.62 -13.90
C GLY B 42 -18.42 -17.19 -14.39
N ALA B 43 -19.19 -16.28 -13.78
CA ALA B 43 -19.19 -14.87 -14.18
C ALA B 43 -19.18 -13.95 -12.96
N SER B 44 -18.82 -12.69 -13.17
CA SER B 44 -18.83 -11.72 -12.07
C SER B 44 -20.26 -11.20 -11.83
N PRO B 45 -20.50 -10.56 -10.67
CA PRO B 45 -21.84 -10.02 -10.42
C PRO B 45 -22.20 -8.89 -11.39
N LYS B 46 -23.50 -8.65 -11.54
CA LYS B 46 -24.02 -7.52 -12.28
C LYS B 46 -25.00 -6.78 -11.37
N LEU B 47 -25.02 -5.44 -11.45
CA LEU B 47 -26.02 -4.67 -10.72
C LEU B 47 -27.41 -5.04 -11.25
N TRP B 48 -28.34 -5.29 -10.35
CA TRP B 48 -29.66 -5.78 -10.74
C TRP B 48 -30.79 -4.81 -10.35
N ILE B 49 -30.84 -4.46 -9.07
CA ILE B 49 -31.81 -3.49 -8.55
C ILE B 49 -31.05 -2.48 -7.69
N TYR B 50 -31.33 -1.20 -7.88
CA TYR B 50 -30.71 -0.15 -7.05
C TYR B 50 -31.76 0.71 -6.37
N ALA B 51 -31.43 1.18 -5.16
CA ALA B 51 -32.35 1.99 -4.34
C ALA B 51 -33.69 1.28 -4.17
N THR B 52 -33.59 0.00 -3.77
CA THR B 52 -34.73 -0.84 -3.38
C THR B 52 -35.60 -1.37 -4.53
N SER B 53 -36.02 -0.49 -5.43
CA SER B 53 -37.09 -0.80 -6.39
C SER B 53 -36.76 -0.52 -7.86
N ASN B 54 -35.58 0.04 -8.14
CA ASN B 54 -35.27 0.46 -9.51
C ASN B 54 -34.41 -0.55 -10.25
N LEU B 55 -34.91 -1.02 -11.39
CA LEU B 55 -34.19 -2.02 -12.18
C LEU B 55 -33.03 -1.38 -12.93
N ALA B 56 -31.87 -2.03 -12.87
CA ALA B 56 -30.70 -1.61 -13.64
C ALA B 56 -30.96 -1.80 -15.13
N SER B 57 -30.17 -1.13 -15.97
CA SER B 57 -30.37 -1.20 -17.42
C SER B 57 -30.19 -2.61 -17.97
N GLY B 58 -31.15 -3.07 -18.77
CA GLY B 58 -31.11 -4.40 -19.36
C GLY B 58 -31.78 -5.50 -18.54
N VAL B 59 -32.11 -5.19 -17.28
CA VAL B 59 -32.77 -6.16 -16.39
C VAL B 59 -34.25 -6.33 -16.78
N PRO B 60 -34.69 -7.59 -17.01
CA PRO B 60 -36.06 -7.91 -17.44
C PRO B 60 -37.16 -7.37 -16.53
N ALA B 61 -38.30 -7.03 -17.13
CA ALA B 61 -39.45 -6.46 -16.42
C ALA B 61 -40.00 -7.35 -15.30
N ARG B 62 -39.80 -8.66 -15.43
CA ARG B 62 -40.31 -9.62 -14.43
C ARG B 62 -39.68 -9.47 -13.04
N PHE B 63 -38.54 -8.77 -12.96
CA PHE B 63 -37.90 -8.46 -11.68
C PHE B 63 -38.49 -7.22 -11.01
N SER B 64 -38.58 -7.27 -9.70
CA SER B 64 -38.99 -6.13 -8.90
C SER B 64 -38.38 -6.22 -7.49
N GLY B 65 -38.26 -5.07 -6.83
CA GLY B 65 -37.78 -5.02 -5.47
C GLY B 65 -38.65 -4.13 -4.59
N SER B 66 -38.79 -4.52 -3.33
CA SER B 66 -39.59 -3.77 -2.37
C SER B 66 -38.92 -3.69 -1.00
N GLY B 67 -39.35 -2.71 -0.20
CA GLY B 67 -38.98 -2.68 1.21
C GLY B 67 -38.58 -1.33 1.75
N SER B 68 -38.36 -1.29 3.06
CA SER B 68 -37.86 -0.13 3.77
C SER B 68 -37.51 -0.59 5.18
N GLY B 69 -36.87 0.27 5.96
CA GLY B 69 -36.50 -0.06 7.33
C GLY B 69 -35.53 -1.22 7.40
N THR B 70 -36.00 -2.33 7.98
CA THR B 70 -35.16 -3.51 8.21
C THR B 70 -35.55 -4.68 7.30
N SER B 71 -36.45 -4.44 6.36
CA SER B 71 -37.10 -5.53 5.63
C SER B 71 -37.27 -5.23 4.13
N TYR B 72 -36.63 -6.06 3.29
CA TYR B 72 -36.57 -5.88 1.85
C TYR B 72 -36.79 -7.20 1.14
N SER B 73 -37.18 -7.15 -0.13
CA SER B 73 -37.40 -8.38 -0.89
C SER B 73 -37.15 -8.17 -2.38
N LEU B 74 -36.75 -9.25 -3.05
CA LEU B 74 -36.65 -9.28 -4.50
C LEU B 74 -37.66 -10.30 -4.99
N THR B 75 -38.38 -9.94 -6.05
CA THR B 75 -39.44 -10.79 -6.60
C THR B 75 -39.28 -10.96 -8.11
N ILE B 76 -39.44 -12.19 -8.55
CA ILE B 76 -39.52 -12.51 -9.97
C ILE B 76 -40.96 -12.96 -10.22
N SER B 77 -41.68 -12.24 -11.07
CA SER B 77 -43.12 -12.47 -11.27
C SER B 77 -43.40 -13.80 -11.97
N SER B 78 -42.52 -14.17 -12.90
CA SER B 78 -42.63 -15.41 -13.66
C SER B 78 -41.21 -15.86 -14.02
N VAL B 79 -40.65 -16.74 -13.19
CA VAL B 79 -39.26 -17.14 -13.30
C VAL B 79 -38.97 -17.89 -14.60
N GLU B 80 -37.78 -17.65 -15.15
CA GLU B 80 -37.34 -18.26 -16.40
C GLU B 80 -36.03 -18.99 -16.18
N THR B 81 -35.70 -19.88 -17.12
CA THR B 81 -34.47 -20.66 -17.07
C THR B 81 -33.23 -19.79 -16.81
N GLU B 82 -33.14 -18.66 -17.51
CA GLU B 82 -31.98 -17.77 -17.42
C GLU B 82 -31.82 -17.06 -16.06
N ASP B 83 -32.79 -17.22 -15.17
CA ASP B 83 -32.75 -16.59 -13.85
C ASP B 83 -31.97 -17.41 -12.82
N ALA B 84 -31.49 -18.60 -13.23
CA ALA B 84 -30.63 -19.42 -12.38
C ALA B 84 -29.35 -18.68 -12.05
N ALA B 85 -29.19 -18.35 -10.78
CA ALA B 85 -28.11 -17.45 -10.33
C ALA B 85 -28.15 -17.33 -8.82
N THR B 86 -27.14 -16.64 -8.27
CA THR B 86 -27.17 -16.24 -6.87
C THR B 86 -27.45 -14.74 -6.82
N TYR B 87 -28.32 -14.35 -5.88
CA TYR B 87 -28.76 -12.96 -5.74
C TYR B 87 -28.27 -12.42 -4.41
N TYR B 88 -27.60 -11.28 -4.44
CA TYR B 88 -27.00 -10.67 -3.25
C TYR B 88 -27.62 -9.31 -2.99
N CYS B 89 -28.03 -9.07 -1.75
CA CYS B 89 -28.39 -7.72 -1.33
C CYS B 89 -27.17 -7.02 -0.69
N GLN B 90 -27.20 -5.70 -0.67
CA GLN B 90 -26.04 -4.90 -0.27
C GLN B 90 -26.45 -3.51 0.21
N HIS B 91 -25.84 -3.07 1.30
CA HIS B 91 -26.07 -1.73 1.83
C HIS B 91 -24.81 -1.22 2.56
N TYR B 92 -24.40 0.00 2.25
CA TYR B 92 -23.18 0.57 2.84
C TYR B 92 -23.27 0.64 4.38
N SER B 93 -24.48 0.71 4.91
CA SER B 93 -24.67 0.83 6.37
C SER B 93 -24.44 -0.49 7.07
N ALA B 94 -24.51 -1.59 6.34
CA ALA B 94 -24.25 -2.90 6.91
C ALA B 94 -22.74 -3.08 7.15
N TYR B 95 -22.40 -3.54 8.35
CA TYR B 95 -21.00 -3.77 8.74
C TYR B 95 -20.94 -4.89 9.79
N PRO B 96 -19.82 -5.64 9.81
CA PRO B 96 -18.61 -5.49 8.99
C PRO B 96 -18.75 -6.02 7.56
N ARG B 97 -19.89 -6.61 7.22
CA ARG B 97 -20.10 -7.08 5.84
C ARG B 97 -21.22 -6.30 5.15
N THR B 98 -20.87 -5.61 4.06
CA THR B 98 -21.84 -4.84 3.30
C THR B 98 -22.79 -5.70 2.44
N PHE B 99 -22.36 -6.93 2.11
CA PHE B 99 -23.19 -7.87 1.34
C PHE B 99 -23.91 -8.88 2.23
N GLY B 100 -25.13 -9.24 1.84
CA GLY B 100 -25.81 -10.39 2.42
C GLY B 100 -25.13 -11.68 1.97
N GLY B 101 -25.52 -12.80 2.59
CA GLY B 101 -24.95 -14.12 2.26
C GLY B 101 -25.48 -14.75 0.97
N GLY B 102 -26.52 -14.13 0.41
CA GLY B 102 -27.05 -14.52 -0.90
C GLY B 102 -28.17 -15.54 -0.88
N THR B 103 -28.93 -15.56 -1.97
CA THR B 103 -29.95 -16.58 -2.24
C THR B 103 -29.60 -17.24 -3.58
N LYS B 104 -29.35 -18.55 -3.55
CA LYS B 104 -29.02 -19.30 -4.75
C LYS B 104 -30.29 -19.90 -5.32
N LEU B 105 -30.62 -19.53 -6.55
CA LEU B 105 -31.86 -19.99 -7.18
C LEU B 105 -31.59 -21.07 -8.21
N GLU B 106 -32.19 -22.24 -8.01
CA GLU B 106 -32.16 -23.33 -9.00
C GLU B 106 -33.49 -23.34 -9.77
N ILE B 107 -33.42 -23.67 -11.05
CA ILE B 107 -34.61 -23.71 -11.91
C ILE B 107 -34.90 -25.13 -12.37
N LYS B 108 -36.08 -25.63 -11.99
CA LYS B 108 -36.46 -26.99 -12.34
C LYS B 108 -36.74 -27.17 -13.83
N ARG B 109 -36.57 -28.40 -14.30
CA ARG B 109 -36.93 -28.81 -15.66
C ARG B 109 -37.33 -30.28 -15.62
N ALA B 110 -37.90 -30.80 -16.69
CA ALA B 110 -38.21 -32.24 -16.74
C ALA B 110 -36.93 -33.07 -16.76
N ASP B 111 -37.02 -34.28 -16.21
CA ASP B 111 -35.88 -35.18 -16.17
C ASP B 111 -35.20 -35.36 -17.53
N ALA B 112 -33.87 -35.33 -17.52
CA ALA B 112 -33.08 -35.54 -18.72
C ALA B 112 -31.95 -36.51 -18.41
N ALA B 113 -31.86 -37.59 -19.20
CA ALA B 113 -30.80 -38.57 -19.01
C ALA B 113 -29.47 -37.98 -19.47
N PRO B 114 -28.36 -38.36 -18.81
CA PRO B 114 -27.05 -37.86 -19.25
C PRO B 114 -26.63 -38.46 -20.59
N THR B 115 -25.89 -37.68 -21.38
CA THR B 115 -25.09 -38.23 -22.47
C THR B 115 -23.79 -38.72 -21.82
N VAL B 116 -23.55 -40.02 -21.91
CA VAL B 116 -22.42 -40.64 -21.20
C VAL B 116 -21.31 -41.02 -22.17
N SER B 117 -20.08 -40.62 -21.82
CA SER B 117 -18.90 -40.90 -22.64
C SER B 117 -17.76 -41.41 -21.78
N ILE B 118 -17.24 -42.58 -22.14
CA ILE B 118 -16.14 -43.19 -21.40
C ILE B 118 -14.84 -43.12 -22.21
N PHE B 119 -13.74 -42.82 -21.52
CA PHE B 119 -12.42 -42.71 -22.14
C PHE B 119 -11.40 -43.57 -21.41
N PRO B 120 -10.70 -44.45 -22.17
CA PRO B 120 -9.53 -45.13 -21.61
C PRO B 120 -8.46 -44.10 -21.25
N PRO B 121 -7.58 -44.44 -20.30
CA PRO B 121 -6.49 -43.51 -19.98
C PRO B 121 -5.72 -43.11 -21.23
N SER B 122 -5.31 -41.85 -21.29
CA SER B 122 -4.38 -41.38 -22.31
C SER B 122 -3.15 -42.29 -22.27
N SER B 123 -2.74 -42.76 -23.44
CA SER B 123 -1.56 -43.63 -23.54
C SER B 123 -0.33 -42.89 -23.05
N GLU B 124 -0.29 -41.58 -23.31
CA GLU B 124 0.79 -40.73 -22.84
C GLU B 124 0.77 -40.58 -21.32
N GLN B 125 -0.40 -40.65 -20.70
CA GLN B 125 -0.47 -40.59 -19.23
C GLN B 125 0.15 -41.82 -18.57
N LEU B 126 -0.05 -43.00 -19.20
CA LEU B 126 0.49 -44.26 -18.69
C LEU B 126 2.01 -44.19 -18.51
N THR B 127 2.63 -43.35 -19.33
CA THR B 127 4.08 -43.15 -19.30
C THR B 127 4.55 -42.55 -17.95
N SER B 128 3.62 -41.93 -17.22
CA SER B 128 3.89 -41.39 -15.88
C SER B 128 3.69 -42.41 -14.75
N GLY B 129 3.18 -43.60 -15.07
CA GLY B 129 2.89 -44.61 -14.06
C GLY B 129 1.48 -44.52 -13.49
N GLY B 130 0.72 -43.52 -13.95
CA GLY B 130 -0.66 -43.33 -13.54
C GLY B 130 -1.64 -43.55 -14.68
N ALA B 131 -2.88 -43.90 -14.32
CA ALA B 131 -3.91 -44.21 -15.29
C ALA B 131 -5.27 -43.66 -14.84
N SER B 132 -5.72 -42.62 -15.51
CA SER B 132 -7.03 -42.03 -15.20
C SER B 132 -8.05 -42.41 -16.27
N VAL B 133 -9.01 -43.25 -15.88
CA VAL B 133 -10.16 -43.57 -16.73
C VAL B 133 -11.24 -42.51 -16.49
N VAL B 134 -11.67 -41.86 -17.56
CA VAL B 134 -12.59 -40.72 -17.44
C VAL B 134 -13.96 -41.03 -18.05
N CYS B 135 -15.00 -40.65 -17.31
CA CYS B 135 -16.37 -40.75 -17.78
C CYS B 135 -17.08 -39.41 -17.62
N PHE B 136 -17.58 -38.86 -18.72
CA PHE B 136 -18.37 -37.63 -18.71
C PHE B 136 -19.86 -37.97 -18.72
N LEU B 137 -20.60 -37.32 -17.82
CA LEU B 137 -22.05 -37.44 -17.76
C LEU B 137 -22.63 -36.06 -18.00
N ASN B 138 -23.02 -35.81 -19.24
CA ASN B 138 -23.31 -34.44 -19.68
C ASN B 138 -24.80 -34.15 -19.91
N ASN B 139 -25.21 -32.96 -19.46
CA ASN B 139 -26.54 -32.40 -19.73
C ASN B 139 -27.69 -33.27 -19.21
N PHE B 140 -27.69 -33.49 -17.89
CA PHE B 140 -28.74 -34.28 -17.25
C PHE B 140 -29.51 -33.44 -16.21
N TYR B 141 -30.67 -33.96 -15.79
CA TYR B 141 -31.46 -33.39 -14.70
C TYR B 141 -32.31 -34.50 -14.10
N PRO B 142 -32.47 -34.53 -12.76
CA PRO B 142 -31.96 -33.59 -11.73
C PRO B 142 -30.49 -33.79 -11.34
N LYS B 143 -30.01 -32.94 -10.42
CA LYS B 143 -28.60 -32.92 -10.03
C LYS B 143 -28.13 -34.23 -9.40
N ASP B 144 -29.02 -34.88 -8.65
CA ASP B 144 -28.67 -36.06 -7.86
C ASP B 144 -28.57 -37.32 -8.72
N ILE B 145 -27.42 -37.47 -9.37
CA ILE B 145 -27.14 -38.61 -10.23
C ILE B 145 -26.15 -39.54 -9.52
N ASN B 146 -26.18 -40.81 -9.88
CA ASN B 146 -25.28 -41.80 -9.31
C ASN B 146 -24.40 -42.44 -10.37
N VAL B 147 -23.10 -42.43 -10.13
CA VAL B 147 -22.14 -43.07 -11.03
C VAL B 147 -21.53 -44.28 -10.36
N LYS B 148 -21.50 -45.39 -11.08
CA LYS B 148 -20.87 -46.61 -10.61
C LYS B 148 -19.79 -47.01 -11.61
N TRP B 149 -18.63 -47.40 -11.10
CA TRP B 149 -17.55 -47.95 -11.93
C TRP B 149 -17.47 -49.47 -11.76
N LYS B 150 -17.30 -50.18 -12.87
CA LYS B 150 -17.05 -51.61 -12.83
C LYS B 150 -15.77 -51.96 -13.57
N ILE B 151 -14.95 -52.79 -12.94
CA ILE B 151 -13.76 -53.35 -13.57
C ILE B 151 -13.93 -54.88 -13.66
N ASP B 152 -13.95 -55.39 -14.88
CA ASP B 152 -14.21 -56.82 -15.15
C ASP B 152 -15.50 -57.35 -14.50
N GLY B 153 -16.52 -56.51 -14.43
CA GLY B 153 -17.82 -56.91 -13.89
C GLY B 153 -18.07 -56.56 -12.43
N SER B 154 -17.00 -56.33 -11.67
CA SER B 154 -17.10 -56.04 -10.24
C SER B 154 -16.95 -54.54 -9.94
N GLU B 155 -17.81 -54.04 -9.04
CA GLU B 155 -17.82 -52.63 -8.67
C GLU B 155 -16.52 -52.19 -8.01
N ARG B 156 -16.08 -50.97 -8.33
CA ARG B 156 -14.88 -50.37 -7.76
C ARG B 156 -15.19 -48.96 -7.27
N GLN B 157 -14.81 -48.67 -6.03
CA GLN B 157 -15.10 -47.38 -5.41
C GLN B 157 -13.85 -46.57 -5.11
N ASN B 158 -12.76 -47.27 -4.79
CA ASN B 158 -11.48 -46.61 -4.49
C ASN B 158 -10.89 -45.91 -5.71
N GLY B 159 -10.46 -44.67 -5.51
CA GLY B 159 -9.80 -43.89 -6.55
C GLY B 159 -10.74 -43.12 -7.47
N VAL B 160 -12.02 -43.12 -7.14
CA VAL B 160 -13.02 -42.36 -7.90
C VAL B 160 -13.12 -40.94 -7.33
N LEU B 161 -13.01 -39.95 -8.21
CA LEU B 161 -13.23 -38.56 -7.87
C LEU B 161 -14.24 -37.93 -8.84
N ASN B 162 -15.28 -37.34 -8.27
CA ASN B 162 -16.40 -36.77 -9.04
C ASN B 162 -16.43 -35.24 -8.93
N SER B 163 -16.86 -34.59 -10.00
CA SER B 163 -17.02 -33.14 -10.00
C SER B 163 -18.21 -32.70 -10.84
N TRP B 164 -19.13 -31.97 -10.20
CA TRP B 164 -20.32 -31.40 -10.86
C TRP B 164 -20.11 -29.95 -11.29
N THR B 165 -20.60 -29.62 -12.49
CA THR B 165 -20.73 -28.21 -12.88
C THR B 165 -21.88 -27.57 -12.12
N ASP B 166 -21.91 -26.24 -12.08
CA ASP B 166 -23.09 -25.51 -11.63
C ASP B 166 -24.21 -25.70 -12.65
N GLN B 167 -25.45 -25.37 -12.28
CA GLN B 167 -26.56 -25.45 -13.22
C GLN B 167 -26.37 -24.51 -14.40
N ASP B 168 -26.53 -25.05 -15.60
CA ASP B 168 -26.47 -24.29 -16.85
C ASP B 168 -27.71 -23.38 -16.94
N SER B 169 -27.50 -22.07 -17.03
CA SER B 169 -28.62 -21.12 -17.06
C SER B 169 -29.34 -21.07 -18.41
N LYS B 170 -28.73 -21.72 -19.42
CA LYS B 170 -29.32 -21.83 -20.74
C LYS B 170 -30.44 -22.88 -20.79
N ASP B 171 -30.22 -24.03 -20.15
CA ASP B 171 -31.15 -25.17 -20.26
C ASP B 171 -31.44 -25.93 -18.96
N SER B 172 -30.95 -25.40 -17.84
CA SER B 172 -31.24 -25.94 -16.50
C SER B 172 -30.65 -27.32 -16.22
N THR B 173 -29.72 -27.77 -17.06
CA THR B 173 -29.07 -29.07 -16.88
C THR B 173 -27.83 -28.98 -16.02
N TYR B 174 -27.39 -30.14 -15.56
CA TYR B 174 -26.11 -30.29 -14.88
C TYR B 174 -25.24 -31.21 -15.72
N SER B 175 -23.93 -31.13 -15.51
CA SER B 175 -22.99 -32.10 -16.05
C SER B 175 -22.02 -32.47 -14.95
N MET B 176 -21.47 -33.67 -15.04
CA MET B 176 -20.44 -34.09 -14.11
C MET B 176 -19.42 -35.02 -14.74
N SER B 177 -18.20 -34.98 -14.21
CA SER B 177 -17.12 -35.88 -14.62
C SER B 177 -16.81 -36.84 -13.49
N SER B 178 -16.58 -38.10 -13.85
CA SER B 178 -16.14 -39.10 -12.90
C SER B 178 -14.81 -39.67 -13.38
N THR B 179 -13.80 -39.57 -12.52
CA THR B 179 -12.45 -40.03 -12.86
C THR B 179 -12.00 -41.13 -11.92
N LEU B 180 -11.67 -42.28 -12.49
CA LEU B 180 -11.10 -43.40 -11.73
C LEU B 180 -9.60 -43.46 -12.00
N THR B 181 -8.80 -43.24 -10.96
CA THR B 181 -7.34 -43.23 -11.12
C THR B 181 -6.72 -44.47 -10.50
N LEU B 182 -5.96 -45.20 -11.32
CA LEU B 182 -5.26 -46.39 -10.88
C LEU B 182 -3.79 -46.26 -11.26
N THR B 183 -2.97 -47.17 -10.77
CA THR B 183 -1.59 -47.27 -11.24
C THR B 183 -1.61 -47.86 -12.65
N LYS B 184 -0.54 -47.62 -13.39
CA LYS B 184 -0.38 -48.20 -14.72
C LYS B 184 -0.46 -49.72 -14.65
N ASP B 185 0.12 -50.30 -13.59
CA ASP B 185 0.15 -51.76 -13.42
C ASP B 185 -1.23 -52.35 -13.10
N GLU B 186 -1.92 -51.74 -12.15
CA GLU B 186 -3.29 -52.16 -11.81
C GLU B 186 -4.21 -52.08 -13.03
N TYR B 187 -4.11 -51.00 -13.79
CA TYR B 187 -4.92 -50.82 -15.00
C TYR B 187 -4.70 -51.94 -16.02
N GLU B 188 -3.45 -52.34 -16.19
CA GLU B 188 -3.11 -53.35 -17.21
C GLU B 188 -3.32 -54.80 -16.76
N ARG B 189 -3.78 -54.96 -15.52
CA ARG B 189 -4.15 -56.28 -14.99
C ARG B 189 -5.63 -56.60 -15.23
N HIS B 190 -6.31 -55.76 -16.02
CA HIS B 190 -7.74 -55.91 -16.27
C HIS B 190 -8.12 -55.55 -17.71
N ASN B 191 -9.27 -56.07 -18.16
CA ASN B 191 -9.71 -55.87 -19.54
C ASN B 191 -10.91 -54.94 -19.72
N SER B 192 -11.98 -55.21 -18.97
CA SER B 192 -13.25 -54.51 -19.14
C SER B 192 -13.44 -53.39 -18.12
N TYR B 193 -13.72 -52.19 -18.62
CA TYR B 193 -13.95 -51.02 -17.77
C TYR B 193 -15.29 -50.38 -18.10
N THR B 194 -16.11 -50.17 -17.08
CA THR B 194 -17.49 -49.74 -17.25
C THR B 194 -17.87 -48.55 -16.38
N CYS B 195 -18.49 -47.55 -17.00
CA CYS B 195 -19.11 -46.42 -16.31
C CYS B 195 -20.62 -46.56 -16.41
N GLU B 196 -21.30 -46.59 -15.27
CA GLU B 196 -22.76 -46.73 -15.24
C GLU B 196 -23.42 -45.51 -14.63
N ALA B 197 -24.48 -45.02 -15.27
CA ALA B 197 -25.22 -43.86 -14.76
C ALA B 197 -26.67 -44.24 -14.42
N THR B 198 -27.09 -43.87 -13.22
CA THR B 198 -28.47 -44.10 -12.78
C THR B 198 -28.94 -42.98 -11.85
N HIS B 199 -30.25 -42.86 -11.71
CA HIS B 199 -30.86 -41.98 -10.72
C HIS B 199 -31.99 -42.72 -10.00
N LYS B 200 -32.45 -42.14 -8.89
CA LYS B 200 -33.43 -42.80 -8.01
C LYS B 200 -34.58 -43.50 -8.73
N THR B 201 -35.23 -42.80 -9.66
CA THR B 201 -36.42 -43.31 -10.32
C THR B 201 -36.13 -44.14 -11.59
N SER B 202 -34.84 -44.40 -11.85
CA SER B 202 -34.46 -45.16 -13.03
C SER B 202 -34.65 -46.67 -12.85
N THR B 203 -35.13 -47.33 -13.90
CA THR B 203 -35.22 -48.80 -13.91
C THR B 203 -34.27 -49.43 -14.94
N SER B 204 -33.41 -48.60 -15.51
CA SER B 204 -32.48 -49.04 -16.56
C SER B 204 -31.28 -48.10 -16.60
N PRO B 205 -30.10 -48.59 -16.15
CA PRO B 205 -28.93 -47.71 -16.13
C PRO B 205 -28.41 -47.42 -17.53
N ILE B 206 -27.77 -46.26 -17.70
CA ILE B 206 -27.04 -45.98 -18.94
C ILE B 206 -25.62 -46.49 -18.73
N VAL B 207 -25.16 -47.32 -19.66
CA VAL B 207 -23.91 -48.05 -19.51
C VAL B 207 -22.99 -47.77 -20.68
N LYS B 208 -21.77 -47.34 -20.38
CA LYS B 208 -20.73 -47.18 -21.38
C LYS B 208 -19.51 -47.99 -20.97
N SER B 209 -18.87 -48.63 -21.95
CA SER B 209 -17.82 -49.59 -21.65
C SER B 209 -16.75 -49.64 -22.75
N PHE B 210 -15.54 -50.05 -22.37
CA PHE B 210 -14.50 -50.37 -23.36
C PHE B 210 -13.66 -51.56 -22.90
N ASN B 211 -13.00 -52.20 -23.86
CA ASN B 211 -12.04 -53.27 -23.58
C ASN B 211 -10.60 -52.84 -23.90
N ARG B 212 -9.68 -53.19 -23.02
CA ARG B 212 -8.26 -52.84 -23.14
C ARG B 212 -7.57 -53.43 -24.38
N ASN B 213 -8.05 -54.56 -24.85
CA ASN B 213 -7.46 -55.23 -26.02
C ASN B 213 -8.01 -54.76 -27.37
N GLU B 214 -9.31 -54.49 -27.42
CA GLU B 214 -9.99 -54.06 -28.65
C GLU B 214 -10.97 -52.91 -28.41
N CYS B 215 -11.02 -51.97 -29.36
CA CYS B 215 -11.89 -50.80 -29.26
C CYS B 215 -13.17 -50.96 -30.08
N GLN C 1 7.09 31.83 -8.31
CA GLN C 1 5.65 31.46 -8.45
C GLN C 1 5.47 29.94 -8.27
N VAL C 2 6.55 29.18 -8.40
CA VAL C 2 6.51 27.71 -8.21
C VAL C 2 6.43 27.34 -6.72
N LYS C 3 5.38 26.62 -6.34
CA LYS C 3 5.20 26.22 -4.94
C LYS C 3 4.77 24.75 -4.83
N LEU C 4 5.35 24.07 -3.85
CA LEU C 4 5.02 22.68 -3.54
C LEU C 4 4.78 22.59 -2.03
N GLN C 5 3.58 22.16 -1.65
CA GLN C 5 3.18 22.12 -0.24
C GLN C 5 2.72 20.72 0.15
N GLU C 6 3.51 20.07 1.01
CA GLU C 6 3.20 18.71 1.47
C GLU C 6 2.36 18.75 2.73
N SER C 7 1.52 17.73 2.90
CA SER C 7 0.72 17.55 4.10
C SER C 7 0.47 16.07 4.35
N GLY C 8 -0.01 15.75 5.55
CA GLY C 8 -0.42 14.38 5.89
C GLY C 8 0.49 13.63 6.84
N GLY C 9 1.64 14.23 7.16
CA GLY C 9 2.58 13.63 8.10
C GLY C 9 1.95 13.36 9.46
N ASP C 10 2.30 12.24 10.06
CA ASP C 10 1.74 11.82 11.34
C ASP C 10 2.56 10.69 11.97
N LEU C 11 2.25 10.41 13.23
CA LEU C 11 2.71 9.22 13.93
C LEU C 11 1.85 8.06 13.46
N VAL C 12 2.49 6.95 13.09
CA VAL C 12 1.79 5.73 12.66
C VAL C 12 2.42 4.52 13.35
N LYS C 13 1.60 3.55 13.72
CA LYS C 13 2.10 2.31 14.32
C LYS C 13 2.78 1.45 13.25
N PRO C 14 3.83 0.69 13.62
CA PRO C 14 4.41 -0.28 12.69
C PRO C 14 3.32 -1.17 12.10
N GLY C 15 3.36 -1.38 10.79
CA GLY C 15 2.34 -2.18 10.10
C GLY C 15 1.19 -1.33 9.54
N GLY C 16 1.11 -0.08 9.98
CA GLY C 16 0.02 0.80 9.60
C GLY C 16 0.21 1.51 8.27
N SER C 17 -0.75 2.38 7.94
CA SER C 17 -0.74 3.09 6.68
C SER C 17 -0.89 4.60 6.89
N LEU C 18 -0.59 5.36 5.83
CA LEU C 18 -0.64 6.81 5.86
C LEU C 18 -0.65 7.31 4.43
N LYS C 19 -1.26 8.47 4.22
CA LYS C 19 -1.26 9.09 2.92
C LYS C 19 -0.72 10.51 3.01
N LEU C 20 0.29 10.78 2.18
CA LEU C 20 0.88 12.09 2.06
C LEU C 20 0.34 12.77 0.81
N SER C 21 0.18 14.08 0.88
CA SER C 21 -0.33 14.84 -0.25
C SER C 21 0.62 15.99 -0.55
N CYS C 22 0.73 16.36 -1.82
CA CYS C 22 1.56 17.49 -2.23
C CYS C 22 0.81 18.34 -3.25
N SER C 23 0.47 19.56 -2.84
CA SER C 23 -0.23 20.53 -3.68
C SER C 23 0.76 21.36 -4.48
N ALA C 24 0.59 21.36 -5.81
CA ALA C 24 1.52 22.03 -6.70
C ALA C 24 0.88 23.25 -7.33
N SER C 25 1.63 24.33 -7.44
CA SER C 25 1.14 25.56 -8.07
C SER C 25 2.24 26.34 -8.78
N GLY C 26 1.85 27.16 -9.75
CA GLY C 26 2.78 28.06 -10.43
C GLY C 26 3.46 27.45 -11.63
N PHE C 27 3.06 26.24 -12.00
CA PHE C 27 3.54 25.60 -13.23
C PHE C 27 2.52 24.59 -13.75
N THR C 28 2.68 24.17 -15.00
CA THR C 28 1.80 23.15 -15.59
C THR C 28 2.20 21.76 -15.08
N PHE C 29 1.55 21.37 -14.00
CA PHE C 29 1.85 20.15 -13.23
C PHE C 29 1.91 18.90 -14.10
N SER C 30 0.92 18.75 -14.99
CA SER C 30 0.79 17.58 -15.86
C SER C 30 1.99 17.32 -16.78
N ARG C 31 2.76 18.36 -17.07
CA ARG C 31 3.90 18.23 -18.01
C ARG C 31 5.19 17.74 -17.38
N TYR C 32 5.20 17.63 -16.05
CA TYR C 32 6.40 17.28 -15.31
C TYR C 32 6.34 15.93 -14.61
N ALA C 33 7.47 15.23 -14.61
CA ALA C 33 7.70 14.16 -13.64
C ALA C 33 7.73 14.76 -12.25
N MET C 34 7.35 13.96 -11.26
CA MET C 34 7.31 14.39 -9.86
C MET C 34 7.89 13.28 -9.01
N SER C 35 8.44 13.64 -7.87
CA SER C 35 9.10 12.66 -7.00
C SER C 35 8.84 12.91 -5.53
N TRP C 36 9.08 11.87 -4.74
CA TRP C 36 9.21 11.97 -3.29
C TRP C 36 10.63 11.55 -2.90
N VAL C 37 11.23 12.32 -2.00
CA VAL C 37 12.54 12.03 -1.42
C VAL C 37 12.37 12.17 0.10
N ARG C 38 13.03 11.32 0.88
CA ARG C 38 12.91 11.35 2.34
C ARG C 38 14.26 11.65 2.98
N GLN C 39 14.23 12.33 4.13
CA GLN C 39 15.46 12.57 4.88
C GLN C 39 15.34 12.01 6.30
N THR C 40 16.22 11.07 6.61
CA THR C 40 16.23 10.34 7.88
C THR C 40 16.68 11.22 9.05
N PRO C 41 16.45 10.78 10.31
CA PRO C 41 16.89 11.49 11.51
C PRO C 41 18.40 11.80 11.54
N GLU C 42 19.19 10.98 10.88
CA GLU C 42 20.63 11.24 10.81
C GLU C 42 21.04 11.94 9.51
N LYS C 43 20.04 12.54 8.85
CA LYS C 43 20.21 13.51 7.75
C LYS C 43 20.61 12.95 6.39
N ARG C 44 20.48 11.64 6.21
CA ARG C 44 20.72 11.00 4.92
C ARG C 44 19.53 11.24 4.00
N LEU C 45 19.78 11.70 2.78
CA LEU C 45 18.70 11.83 1.79
C LEU C 45 18.50 10.49 1.08
N GLU C 46 17.25 10.10 0.92
CA GLU C 46 16.90 8.80 0.32
C GLU C 46 15.75 8.97 -0.65
N TRP C 47 15.98 8.67 -1.93
CA TRP C 47 14.91 8.67 -2.94
C TRP C 47 13.84 7.65 -2.53
N VAL C 48 12.57 8.02 -2.76
CA VAL C 48 11.43 7.17 -2.42
C VAL C 48 10.76 6.65 -3.69
N ALA C 49 10.28 7.57 -4.54
CA ALA C 49 9.53 7.18 -5.74
C ALA C 49 9.46 8.34 -6.72
N SER C 50 9.24 8.01 -7.99
CA SER C 50 9.04 9.01 -9.04
C SER C 50 7.89 8.57 -9.95
N ILE C 51 7.19 9.56 -10.52
CA ILE C 51 6.14 9.30 -11.50
C ILE C 51 6.29 10.25 -12.69
N THR C 52 6.31 9.69 -13.90
CA THR C 52 6.52 10.48 -15.11
C THR C 52 5.26 11.22 -15.51
N ASN C 53 5.40 12.13 -16.49
CA ASN C 53 4.25 12.81 -17.03
C ASN C 53 3.29 11.86 -17.76
N GLY C 54 3.79 10.69 -18.17
CA GLY C 54 2.95 9.64 -18.75
C GLY C 54 2.39 8.67 -17.71
N GLY C 55 2.74 8.87 -16.45
CA GLY C 55 2.23 8.05 -15.36
C GLY C 55 2.97 6.75 -15.07
N SER C 56 4.18 6.60 -15.61
CA SER C 56 5.04 5.47 -15.26
C SER C 56 5.61 5.70 -13.86
N THR C 57 5.65 4.64 -13.05
CA THR C 57 6.05 4.75 -11.65
C THR C 57 7.31 3.96 -11.34
N TYR C 58 8.15 4.54 -10.48
CA TYR C 58 9.45 3.96 -10.11
C TYR C 58 9.65 4.10 -8.61
N TYR C 59 10.15 3.05 -7.98
CA TYR C 59 10.28 2.99 -6.53
C TYR C 59 11.65 2.54 -6.07
N SER C 60 12.11 3.09 -4.95
CA SER C 60 13.34 2.61 -4.33
C SER C 60 13.10 1.19 -3.81
N ASP C 61 14.16 0.38 -3.79
CA ASP C 61 14.06 -1.00 -3.29
C ASP C 61 13.51 -1.08 -1.88
N SER C 62 13.70 -0.02 -1.10
CA SER C 62 13.25 0.04 0.29
C SER C 62 11.74 0.11 0.46
N VAL C 63 11.04 0.72 -0.50
CA VAL C 63 9.60 0.94 -0.39
C VAL C 63 8.77 0.13 -1.41
N LYS C 64 9.45 -0.44 -2.40
CA LYS C 64 8.79 -1.19 -3.47
C LYS C 64 7.84 -2.24 -2.89
N GLY C 65 6.59 -2.24 -3.35
CA GLY C 65 5.60 -3.21 -2.90
C GLY C 65 4.82 -2.77 -1.67
N ARG C 66 5.27 -1.66 -1.06
CA ARG C 66 4.65 -1.11 0.15
C ARG C 66 4.07 0.30 -0.08
N PHE C 67 4.71 1.09 -0.94
CA PHE C 67 4.29 2.46 -1.22
C PHE C 67 3.76 2.60 -2.64
N ILE C 68 2.88 3.58 -2.84
CA ILE C 68 2.36 3.91 -4.16
C ILE C 68 2.46 5.42 -4.39
N ILE C 69 3.04 5.79 -5.53
CA ILE C 69 3.07 7.19 -5.95
C ILE C 69 2.00 7.40 -7.04
N SER C 70 1.18 8.43 -6.90
CA SER C 70 0.16 8.72 -7.89
C SER C 70 -0.09 10.21 -8.01
N ARG C 71 -0.79 10.60 -9.07
CA ARG C 71 -1.05 12.01 -9.36
C ARG C 71 -2.47 12.24 -9.86
N ASP C 72 -2.95 13.46 -9.62
CA ASP C 72 -4.21 13.93 -10.17
C ASP C 72 -3.92 15.23 -10.94
N ASN C 73 -3.86 15.11 -12.26
CA ASN C 73 -3.51 16.25 -13.11
C ASN C 73 -4.57 17.36 -13.19
N ALA C 74 -5.80 17.05 -12.84
CA ALA C 74 -6.87 18.06 -12.81
C ALA C 74 -6.77 18.94 -11.58
N ARG C 75 -6.33 18.36 -10.46
CA ARG C 75 -6.30 19.08 -9.19
C ARG C 75 -4.88 19.48 -8.78
N ASN C 76 -3.89 19.08 -9.59
CA ASN C 76 -2.48 19.37 -9.33
C ASN C 76 -2.04 18.88 -7.95
N ILE C 77 -2.31 17.61 -7.71
CA ILE C 77 -2.00 16.95 -6.44
C ILE C 77 -1.15 15.71 -6.72
N LEU C 78 -0.02 15.62 -6.03
CA LEU C 78 0.80 14.44 -6.01
C LEU C 78 0.58 13.71 -4.68
N SER C 79 0.45 12.39 -4.73
CA SER C 79 0.23 11.61 -3.52
C SER C 79 1.32 10.58 -3.28
N LEU C 80 1.57 10.28 -2.02
CA LEU C 80 2.34 9.10 -1.64
C LEU C 80 1.53 8.31 -0.63
N GLN C 81 1.10 7.12 -1.03
CA GLN C 81 0.34 6.23 -0.17
C GLN C 81 1.29 5.19 0.41
N MET C 82 1.23 5.02 1.73
CA MET C 82 2.16 4.15 2.45
C MET C 82 1.38 3.06 3.18
N SER C 83 1.90 1.83 3.14
CA SER C 83 1.29 0.71 3.84
C SER C 83 2.38 -0.15 4.46
N SER C 84 2.01 -0.97 5.44
CA SER C 84 2.96 -1.83 6.15
C SER C 84 4.20 -1.05 6.59
N LEU C 85 3.96 0.08 7.24
CA LEU C 85 5.04 0.99 7.65
C LEU C 85 5.99 0.36 8.65
N ARG C 86 7.26 0.77 8.58
CA ARG C 86 8.32 0.24 9.44
C ARG C 86 9.07 1.42 10.10
N SER C 87 9.75 1.13 11.21
CA SER C 87 10.54 2.13 11.94
C SER C 87 11.46 2.95 11.04
N GLU C 88 12.17 2.28 10.13
CA GLU C 88 13.08 2.95 9.19
C GLU C 88 12.40 3.89 8.19
N ASP C 89 11.06 3.85 8.14
CA ASP C 89 10.32 4.81 7.31
C ASP C 89 10.20 6.19 7.99
N THR C 90 10.61 6.27 9.24
CA THR C 90 10.63 7.54 9.98
C THR C 90 11.56 8.53 9.31
N ALA C 91 11.00 9.66 8.87
CA ALA C 91 11.75 10.65 8.09
C ALA C 91 10.91 11.86 7.73
N MET C 92 11.57 12.90 7.26
CA MET C 92 10.91 14.06 6.67
C MET C 92 10.71 13.74 5.19
N TYR C 93 9.47 13.89 4.71
CA TYR C 93 9.13 13.60 3.32
C TYR C 93 8.96 14.85 2.49
N TYR C 94 9.75 14.95 1.42
CA TYR C 94 9.74 16.08 0.51
C TYR C 94 9.18 15.71 -0.86
N CYS C 95 8.36 16.58 -1.41
CA CYS C 95 7.82 16.45 -2.76
C CYS C 95 8.66 17.32 -3.70
N GLU C 96 9.05 16.74 -4.85
CA GLU C 96 9.85 17.45 -5.85
C GLU C 96 9.22 17.46 -7.23
N ARG C 97 9.44 18.55 -7.96
CA ARG C 97 9.25 18.57 -9.40
C ARG C 97 10.49 17.94 -10.02
N GLY C 98 10.30 17.09 -11.02
CA GLY C 98 11.41 16.37 -11.62
C GLY C 98 11.65 14.99 -11.01
N GLU C 99 12.71 14.34 -11.46
CA GLU C 99 13.06 12.98 -11.05
C GLU C 99 14.58 12.77 -11.09
N LEU C 100 15.03 11.54 -10.86
CA LEU C 100 16.46 11.29 -10.63
C LEU C 100 17.38 11.53 -11.84
N THR C 101 16.89 11.19 -13.03
CA THR C 101 17.69 11.25 -14.25
C THR C 101 18.08 12.67 -14.66
N TYR C 102 17.09 13.54 -14.79
CA TYR C 102 17.35 14.91 -15.24
C TYR C 102 17.40 15.92 -14.09
N ALA C 103 17.25 15.43 -12.86
CA ALA C 103 17.35 16.21 -11.61
C ALA C 103 16.00 16.75 -11.12
N MET C 104 15.95 17.02 -9.81
CA MET C 104 14.76 17.54 -9.17
C MET C 104 14.95 19.03 -8.86
N ASP C 105 14.31 19.89 -9.63
CA ASP C 105 14.63 21.32 -9.65
C ASP C 105 13.89 22.21 -8.63
N TYR C 106 12.87 21.66 -7.99
CA TYR C 106 12.13 22.34 -6.92
C TYR C 106 11.69 21.32 -5.88
N TRP C 107 11.87 21.67 -4.61
CA TRP C 107 11.56 20.80 -3.48
C TRP C 107 10.59 21.51 -2.54
N GLY C 108 9.61 20.79 -2.01
CA GLY C 108 8.68 21.37 -1.04
C GLY C 108 9.34 21.56 0.32
N GLN C 109 8.58 22.00 1.32
CA GLN C 109 9.13 22.15 2.67
C GLN C 109 9.05 20.89 3.55
N GLY C 110 8.31 19.89 3.08
CA GLY C 110 8.26 18.58 3.74
C GLY C 110 7.17 18.37 4.79
N THR C 111 6.80 17.10 4.99
CA THR C 111 6.04 16.64 6.16
C THR C 111 6.78 15.56 6.90
N THR C 112 6.70 15.61 8.22
CA THR C 112 7.35 14.63 9.07
C THR C 112 6.48 13.41 9.28
N VAL C 113 7.10 12.23 9.23
CA VAL C 113 6.45 10.99 9.56
C VAL C 113 7.29 10.24 10.60
N THR C 114 6.68 9.80 11.69
CA THR C 114 7.36 8.79 12.51
C THR C 114 6.54 7.52 12.68
N VAL C 115 7.23 6.39 12.58
CA VAL C 115 6.64 5.09 12.77
C VAL C 115 7.17 4.52 14.07
N SER C 116 6.28 4.36 15.03
CA SER C 116 6.63 3.94 16.38
C SER C 116 5.41 3.34 17.08
N SER C 117 5.66 2.51 18.08
CA SER C 117 4.62 1.98 18.94
C SER C 117 4.21 2.97 20.05
N ALA C 118 5.12 3.90 20.37
CA ALA C 118 4.86 4.92 21.40
C ALA C 118 3.66 5.80 21.04
N LYS C 119 3.00 6.32 22.07
CA LYS C 119 1.74 7.05 21.90
C LYS C 119 1.92 8.55 21.75
N THR C 120 0.98 9.17 21.03
CA THR C 120 0.95 10.62 20.89
C THR C 120 0.80 11.26 22.26
N THR C 121 1.74 12.15 22.58
CA THR C 121 1.84 12.77 23.90
C THR C 121 1.96 14.28 23.70
N PRO C 122 0.96 15.05 24.17
CA PRO C 122 1.01 16.51 24.04
C PRO C 122 2.05 17.14 24.99
N PRO C 123 2.59 18.31 24.62
CA PRO C 123 3.69 18.88 25.40
C PRO C 123 3.24 19.67 26.63
N SER C 124 4.08 19.65 27.68
CA SER C 124 3.99 20.65 28.75
C SER C 124 4.85 21.83 28.29
N VAL C 125 4.39 23.05 28.57
CA VAL C 125 5.10 24.26 28.13
C VAL C 125 5.35 25.19 29.33
N TYR C 126 6.61 25.49 29.58
CA TYR C 126 7.00 26.30 30.73
C TYR C 126 7.67 27.61 30.35
N PRO C 127 7.24 28.73 30.98
CA PRO C 127 7.86 30.01 30.68
C PRO C 127 9.18 30.18 31.43
N LEU C 128 10.21 30.62 30.71
CA LEU C 128 11.53 30.85 31.31
C LEU C 128 11.86 32.34 31.37
N ALA C 129 11.65 32.91 32.56
CA ALA C 129 11.97 34.30 32.83
C ALA C 129 13.24 34.36 33.68
N PRO C 130 14.00 35.48 33.59
CA PRO C 130 15.23 35.65 34.37
C PRO C 130 14.98 35.57 35.87
N GLY C 131 15.99 35.12 36.62
CA GLY C 131 15.90 34.97 38.07
C GLY C 131 15.69 36.32 38.79
N SER C 133 20.82 45.98 29.55
CA SER C 133 21.10 46.22 28.14
C SER C 133 20.25 45.32 27.24
N MET C 134 20.37 44.01 27.47
CA MET C 134 19.69 43.00 26.66
C MET C 134 19.10 41.93 27.59
N VAL C 135 17.89 41.44 27.28
CA VAL C 135 17.30 40.32 28.01
C VAL C 135 17.09 39.10 27.15
N THR C 136 17.41 37.94 27.72
CA THR C 136 17.12 36.65 27.09
C THR C 136 15.98 35.98 27.86
N LEU C 137 14.97 35.56 27.11
CA LEU C 137 13.83 34.84 27.66
C LEU C 137 13.80 33.45 27.03
N GLY C 138 13.13 32.52 27.70
CA GLY C 138 13.05 31.15 27.18
C GLY C 138 11.68 30.50 27.25
N CYS C 139 11.54 29.41 26.52
CA CYS C 139 10.32 28.63 26.47
C CYS C 139 10.77 27.16 26.54
N LEU C 140 10.31 26.43 27.55
CA LEU C 140 10.66 25.02 27.72
C LEU C 140 9.47 24.16 27.34
N VAL C 141 9.65 23.28 26.35
CA VAL C 141 8.57 22.38 25.96
C VAL C 141 8.97 20.91 26.18
N LYS C 142 8.30 20.29 27.14
CA LYS C 142 8.78 19.06 27.76
C LYS C 142 7.78 17.91 27.66
N GLY C 143 8.32 16.70 27.44
CA GLY C 143 7.54 15.47 27.45
C GLY C 143 6.52 15.36 26.33
N TYR C 144 6.97 15.43 25.09
CA TYR C 144 6.05 15.27 23.97
C TYR C 144 6.50 14.19 23.00
N PHE C 145 5.54 13.67 22.24
CA PHE C 145 5.80 12.67 21.21
C PHE C 145 4.67 12.68 20.18
N PRO C 146 5.01 12.55 18.88
CA PRO C 146 6.34 12.48 18.28
C PRO C 146 6.90 13.88 18.03
N GLU C 147 8.10 13.96 17.45
CA GLU C 147 8.56 15.17 16.79
C GLU C 147 7.71 15.40 15.53
N PRO C 148 7.57 16.66 15.09
CA PRO C 148 8.16 17.89 15.61
C PRO C 148 7.20 18.76 16.42
N VAL C 149 7.77 19.69 17.19
CA VAL C 149 7.03 20.87 17.62
C VAL C 149 7.64 22.05 16.90
N THR C 150 6.84 23.10 16.73
CA THR C 150 7.37 24.36 16.24
C THR C 150 7.19 25.46 17.30
N VAL C 151 8.18 26.33 17.43
CA VAL C 151 8.12 27.45 18.37
C VAL C 151 8.34 28.76 17.64
N THR C 152 7.40 29.69 17.81
CA THR C 152 7.57 31.04 17.32
C THR C 152 7.47 31.99 18.51
N TRP C 153 7.89 33.23 18.31
CA TRP C 153 7.81 34.24 19.35
C TRP C 153 7.02 35.44 18.84
N ASN C 154 6.05 35.86 19.65
CA ASN C 154 5.07 36.88 19.26
C ASN C 154 4.48 36.64 17.87
N SER C 155 4.09 35.38 17.63
CA SER C 155 3.46 34.93 16.39
C SER C 155 4.36 35.08 15.16
N GLY C 156 5.68 35.07 15.37
CA GLY C 156 6.65 35.24 14.28
C GLY C 156 7.22 36.64 14.16
N SER C 157 6.63 37.59 14.87
CA SER C 157 7.10 38.99 14.87
C SER C 157 8.53 39.12 15.39
N LEU C 158 8.84 38.33 16.42
CA LEU C 158 10.21 38.18 16.90
C LEU C 158 10.86 36.98 16.20
N SER C 159 11.60 37.27 15.14
CA SER C 159 12.26 36.25 14.33
C SER C 159 13.79 36.32 14.46
N SER C 160 14.30 37.55 14.51
CA SER C 160 15.71 37.77 14.80
C SER C 160 15.92 37.58 16.31
N GLY C 161 17.08 37.06 16.69
CA GLY C 161 17.42 36.87 18.10
C GLY C 161 16.86 35.63 18.77
N VAL C 162 16.25 34.73 18.01
CA VAL C 162 15.74 33.47 18.58
C VAL C 162 16.56 32.24 18.16
N HIS C 163 16.78 31.36 19.13
CA HIS C 163 17.37 30.05 18.90
C HIS C 163 16.42 28.99 19.40
N THR C 164 15.97 28.12 18.49
CA THR C 164 15.21 26.95 18.87
C THR C 164 16.11 25.74 18.68
N PHE C 165 16.33 25.02 19.77
CA PHE C 165 17.30 23.94 19.83
C PHE C 165 16.68 22.59 19.48
N PRO C 166 17.48 21.71 18.83
CA PRO C 166 17.02 20.36 18.48
C PRO C 166 16.53 19.61 19.71
N ALA C 167 15.44 18.86 19.55
CA ALA C 167 14.86 18.13 20.66
C ALA C 167 15.80 17.03 21.16
N VAL C 168 15.72 16.76 22.45
CA VAL C 168 16.49 15.70 23.09
C VAL C 168 15.52 14.66 23.63
N LEU C 169 15.92 13.39 23.58
CA LEU C 169 15.10 12.31 24.11
C LEU C 169 15.42 12.09 25.58
N GLN C 170 14.39 12.13 26.43
CA GLN C 170 14.52 11.86 27.86
C GLN C 170 13.25 11.23 28.43
N SER C 171 13.41 10.11 29.12
CA SER C 171 12.30 9.27 29.57
C SER C 171 11.38 8.85 28.41
N ASP C 172 12.00 8.51 27.28
CA ASP C 172 11.31 8.07 26.06
C ASP C 172 10.40 9.13 25.42
N LEU C 173 10.56 10.38 25.86
CA LEU C 173 9.80 11.52 25.37
C LEU C 173 10.74 12.66 24.96
N TYR C 174 10.30 13.53 24.07
CA TYR C 174 11.12 14.66 23.61
C TYR C 174 10.98 15.90 24.48
N THR C 175 12.08 16.65 24.58
CA THR C 175 12.12 17.95 25.25
C THR C 175 12.97 18.88 24.40
N LEU C 176 12.49 20.10 24.18
CA LEU C 176 13.32 21.14 23.58
C LEU C 176 13.11 22.48 24.26
N SER C 177 14.05 23.40 24.03
CA SER C 177 13.94 24.75 24.56
C SER C 177 14.14 25.76 23.43
N SER C 178 13.59 26.95 23.61
CA SER C 178 13.80 28.04 22.68
C SER C 178 14.12 29.32 23.46
N SER C 179 15.13 30.04 23.00
CA SER C 179 15.51 31.33 23.61
C SER C 179 15.20 32.47 22.66
N VAL C 180 14.92 33.64 23.22
CA VAL C 180 14.74 34.86 22.45
C VAL C 180 15.43 36.01 23.18
N THR C 181 16.23 36.77 22.45
CA THR C 181 16.93 37.93 23.01
C THR C 181 16.34 39.24 22.48
N VAL C 182 15.92 40.10 23.42
CA VAL C 182 15.31 41.39 23.10
C VAL C 182 15.99 42.53 23.88
N PRO C 183 15.88 43.77 23.40
CA PRO C 183 16.35 44.92 24.18
C PRO C 183 15.63 45.02 25.52
N SER C 184 16.36 45.38 26.58
CA SER C 184 15.77 45.53 27.92
C SER C 184 14.66 46.58 28.00
N SER C 185 14.63 47.46 27.00
CA SER C 185 13.59 48.48 26.89
C SER C 185 12.27 47.90 26.38
N THR C 186 12.31 46.71 25.78
CA THR C 186 11.11 46.08 25.21
C THR C 186 10.41 45.11 26.18
N TRP C 187 11.14 44.52 27.12
CA TRP C 187 10.55 43.60 28.08
C TRP C 187 10.96 44.01 29.50
N PRO C 188 10.00 44.05 30.45
CA PRO C 188 8.61 43.61 30.36
C PRO C 188 7.59 44.66 29.90
N SER C 189 8.05 45.85 29.51
CA SER C 189 7.15 46.93 29.08
C SER C 189 6.17 46.48 28.00
N GLU C 190 6.64 45.69 27.02
CA GLU C 190 5.75 45.10 26.03
C GLU C 190 5.72 43.56 26.10
N THR C 191 4.64 42.97 25.59
CA THR C 191 4.37 41.53 25.72
C THR C 191 5.32 40.67 24.88
N VAL C 192 5.90 39.65 25.52
CA VAL C 192 6.61 38.59 24.81
C VAL C 192 5.98 37.24 25.16
N THR C 193 5.56 36.52 24.12
CA THR C 193 4.89 35.22 24.29
C THR C 193 5.45 34.18 23.31
N CYS C 194 5.77 32.98 23.81
CA CYS C 194 6.16 31.87 22.94
C CYS C 194 4.93 31.08 22.49
N ASN C 195 4.89 30.76 21.20
CA ASN C 195 3.79 30.01 20.61
C ASN C 195 4.30 28.65 20.22
N VAL C 196 3.76 27.62 20.86
CA VAL C 196 4.20 26.25 20.65
C VAL C 196 3.11 25.51 19.89
N ALA C 197 3.51 24.82 18.81
CA ALA C 197 2.57 23.98 18.09
C ALA C 197 3.07 22.54 18.03
N HIS C 198 2.18 21.61 18.34
CA HIS C 198 2.46 20.18 18.20
C HIS C 198 1.42 19.58 17.28
N PRO C 199 1.70 19.57 15.96
CA PRO C 199 0.72 19.14 14.96
C PRO C 199 0.13 17.74 15.21
N ALA C 200 0.96 16.79 15.65
CA ALA C 200 0.49 15.42 15.84
C ALA C 200 -0.64 15.31 16.87
N SER C 201 -0.59 16.14 17.91
CA SER C 201 -1.65 16.16 18.92
C SER C 201 -2.65 17.29 18.68
N SER C 202 -2.52 17.94 17.52
CA SER C 202 -3.36 19.10 17.15
C SER C 202 -3.44 20.10 18.31
N THR C 203 -2.27 20.50 18.81
CA THR C 203 -2.18 21.37 19.97
C THR C 203 -1.46 22.68 19.62
N LYS C 204 -2.03 23.80 20.07
CA LYS C 204 -1.31 25.08 20.10
C LYS C 204 -1.34 25.62 21.52
N VAL C 205 -0.16 26.04 22.01
CA VAL C 205 -0.03 26.61 23.35
C VAL C 205 0.67 27.96 23.27
N ASP C 206 0.02 28.99 23.82
CA ASP C 206 0.61 30.33 23.92
C ASP C 206 0.96 30.61 25.38
N LYS C 207 2.19 31.06 25.60
CA LYS C 207 2.70 31.27 26.95
C LYS C 207 3.37 32.62 27.08
N LYS C 208 2.67 33.56 27.71
CA LYS C 208 3.20 34.90 27.96
C LYS C 208 4.30 34.85 29.02
N ILE C 209 5.50 35.34 28.67
CA ILE C 209 6.61 35.37 29.63
C ILE C 209 6.42 36.52 30.63
N VAL C 210 6.21 36.16 31.89
CA VAL C 210 5.95 37.13 32.95
C VAL C 210 7.12 37.20 33.94
N VAL C 211 7.47 38.41 34.35
CA VAL C 211 8.47 38.65 35.40
C VAL C 211 8.19 37.80 36.63
N LYS C 212 9.25 37.28 37.27
CA LYS C 212 9.09 36.41 38.44
C LYS C 212 8.80 37.19 39.72
N GLY C 213 7.99 36.58 40.59
CA GLY C 213 7.59 37.21 41.86
C GLY C 213 8.50 36.79 43.01
N ASP D 1 27.10 -3.29 -6.51
CA ASP D 1 26.56 -1.91 -6.30
C ASP D 1 27.53 -0.80 -6.74
N ILE D 2 27.04 0.43 -6.77
CA ILE D 2 27.82 1.58 -7.17
C ILE D 2 27.44 2.76 -6.27
N GLU D 3 28.39 3.23 -5.47
CA GLU D 3 28.12 4.29 -4.51
C GLU D 3 28.89 5.57 -4.78
N LEU D 4 28.25 6.68 -4.42
CA LEU D 4 28.86 7.98 -4.50
C LEU D 4 29.45 8.30 -3.14
N THR D 5 30.76 8.53 -3.11
CA THR D 5 31.47 8.84 -1.89
C THR D 5 31.90 10.31 -1.91
N GLN D 6 31.54 11.03 -0.84
CA GLN D 6 31.86 12.45 -0.75
C GLN D 6 32.88 12.71 0.34
N SER D 7 34.00 13.31 -0.05
CA SER D 7 35.09 13.59 0.88
C SER D 7 35.53 15.05 0.91
N PRO D 8 36.07 15.50 2.07
CA PRO D 8 35.79 14.87 3.35
C PRO D 8 34.32 15.11 3.70
N ALA D 9 33.84 14.47 4.77
CA ALA D 9 32.47 14.68 5.22
C ALA D 9 32.24 16.11 5.70
N ILE D 10 33.32 16.74 6.18
CA ILE D 10 33.26 18.10 6.72
C ILE D 10 34.48 18.91 6.24
N MET D 11 34.22 20.12 5.76
CA MET D 11 35.24 21.08 5.36
C MET D 11 34.97 22.42 5.99
N SER D 12 36.05 23.15 6.31
CA SER D 12 35.94 24.49 6.90
C SER D 12 36.73 25.50 6.07
N ALA D 13 36.14 26.66 5.84
CA ALA D 13 36.73 27.68 4.97
C ALA D 13 36.45 29.11 5.41
N SER D 14 37.44 30.00 5.22
CA SER D 14 37.27 31.42 5.51
C SER D 14 36.66 32.12 4.30
N PRO D 15 35.85 33.17 4.53
CA PRO D 15 35.34 33.96 3.40
C PRO D 15 36.47 34.44 2.49
N GLY D 16 36.28 34.28 1.18
CA GLY D 16 37.29 34.65 0.19
C GLY D 16 38.14 33.50 -0.31
N GLU D 17 38.11 32.39 0.42
CA GLU D 17 38.91 31.19 0.12
C GLU D 17 38.24 30.34 -0.97
N LYS D 18 39.05 29.73 -1.84
CA LYS D 18 38.57 28.77 -2.82
C LYS D 18 38.38 27.41 -2.16
N VAL D 19 37.21 26.80 -2.35
CA VAL D 19 36.98 25.43 -1.86
C VAL D 19 36.48 24.48 -2.94
N THR D 20 36.93 23.23 -2.86
CA THR D 20 36.55 22.18 -3.79
C THR D 20 36.16 20.94 -3.01
N MET D 21 34.95 20.44 -3.25
CA MET D 21 34.51 19.18 -2.66
C MET D 21 34.26 18.14 -3.75
N THR D 22 34.51 16.88 -3.41
CA THR D 22 34.55 15.81 -4.41
C THR D 22 33.44 14.79 -4.23
N CYS D 23 33.07 14.14 -5.34
CA CYS D 23 32.09 13.06 -5.35
C CYS D 23 32.67 11.95 -6.23
N ARG D 24 32.88 10.78 -5.63
CA ARG D 24 33.55 9.67 -6.31
C ARG D 24 32.67 8.44 -6.40
N ALA D 25 32.51 7.94 -7.62
CA ALA D 25 31.76 6.72 -7.88
C ALA D 25 32.70 5.52 -7.91
N SER D 26 32.25 4.37 -7.41
CA SER D 26 33.06 3.15 -7.48
C SER D 26 33.21 2.62 -8.91
N SER D 27 32.18 2.82 -9.74
CA SER D 27 32.20 2.46 -11.15
C SER D 27 31.74 3.64 -12.00
N THR D 28 32.10 3.61 -13.29
CA THR D 28 31.80 4.70 -14.24
C THR D 28 30.35 5.15 -14.22
N VAL D 29 30.15 6.45 -14.28
CA VAL D 29 28.86 7.07 -14.21
C VAL D 29 28.84 8.16 -15.30
N SER D 30 27.72 8.34 -16.00
CA SER D 30 27.66 9.35 -17.06
C SER D 30 27.57 10.76 -16.49
N PHE D 31 28.49 11.63 -16.91
CA PHE D 31 28.55 13.02 -16.43
C PHE D 31 27.32 13.84 -16.80
N HIS D 32 26.56 13.37 -17.79
CA HIS D 32 25.34 14.07 -18.19
C HIS D 32 24.20 14.02 -17.16
N TYR D 33 24.38 13.21 -16.11
CA TYR D 33 23.31 12.96 -15.13
C TYR D 33 23.77 13.06 -13.68
N LEU D 34 24.96 13.62 -13.46
CA LEU D 34 25.48 13.84 -12.10
C LEU D 34 25.00 15.20 -11.61
N HIS D 35 24.27 15.22 -10.50
CA HIS D 35 23.67 16.46 -10.01
C HIS D 35 24.12 16.78 -8.59
N TRP D 36 24.05 18.07 -8.22
CA TRP D 36 24.39 18.52 -6.87
C TRP D 36 23.23 19.30 -6.25
N TYR D 37 23.02 19.11 -4.95
CA TYR D 37 21.98 19.81 -4.21
C TYR D 37 22.58 20.49 -2.99
N GLN D 38 22.14 21.72 -2.71
CA GLN D 38 22.54 22.43 -1.51
C GLN D 38 21.40 22.39 -0.50
N GLN D 39 21.72 22.05 0.76
CA GLN D 39 20.73 22.12 1.83
C GLN D 39 21.24 22.89 3.04
N LYS D 40 20.53 23.94 3.40
CA LYS D 40 20.85 24.74 4.58
C LYS D 40 20.08 24.22 5.79
N SER D 41 20.55 24.58 6.98
CA SER D 41 19.93 24.09 8.20
C SER D 41 18.46 24.49 8.27
N GLY D 42 17.61 23.53 8.63
CA GLY D 42 16.18 23.79 8.82
C GLY D 42 15.41 24.08 7.54
N ALA D 43 16.02 23.82 6.39
CA ALA D 43 15.37 24.04 5.10
C ALA D 43 15.47 22.81 4.20
N SER D 44 14.69 22.80 3.12
CA SER D 44 14.69 21.73 2.13
C SER D 44 15.91 21.88 1.23
N PRO D 45 16.37 20.79 0.60
CA PRO D 45 17.42 20.91 -0.42
C PRO D 45 16.98 21.77 -1.61
N LYS D 46 17.97 22.30 -2.34
CA LYS D 46 17.72 23.03 -3.58
C LYS D 46 18.69 22.49 -4.64
N LEU D 47 18.20 22.32 -5.86
CA LEU D 47 19.08 21.95 -6.96
C LEU D 47 20.13 23.03 -7.14
N TRP D 48 21.39 22.62 -7.20
CA TRP D 48 22.50 23.55 -7.30
C TRP D 48 23.21 23.43 -8.64
N ILE D 49 23.67 22.22 -8.96
CA ILE D 49 24.31 21.96 -10.24
C ILE D 49 23.62 20.74 -10.89
N TYR D 50 23.35 20.83 -12.18
CA TYR D 50 22.79 19.70 -12.92
C TYR D 50 23.69 19.34 -14.11
N ALA D 51 23.76 18.04 -14.41
CA ALA D 51 24.59 17.50 -15.48
C ALA D 51 26.05 17.92 -15.33
N THR D 52 26.56 17.74 -14.10
CA THR D 52 27.97 17.95 -13.72
C THR D 52 28.45 19.41 -13.64
N SER D 53 28.09 20.23 -14.63
CA SER D 53 28.69 21.55 -14.79
C SER D 53 27.72 22.74 -14.91
N ASN D 54 26.43 22.47 -15.02
CA ASN D 54 25.45 23.54 -15.31
C ASN D 54 24.85 24.12 -14.03
N LEU D 55 24.88 25.44 -13.90
CA LEU D 55 24.34 26.07 -12.70
C LEU D 55 22.82 26.16 -12.76
N ALA D 56 22.17 25.77 -11.67
CA ALA D 56 20.72 25.88 -11.59
C ALA D 56 20.29 27.34 -11.47
N SER D 57 18.99 27.60 -11.67
CA SER D 57 18.42 28.94 -11.59
C SER D 57 18.78 29.58 -10.25
N GLY D 58 19.24 30.83 -10.29
CA GLY D 58 19.55 31.60 -9.09
C GLY D 58 20.84 31.27 -8.37
N VAL D 59 21.60 30.30 -8.88
CA VAL D 59 22.88 29.93 -8.26
C VAL D 59 23.97 30.94 -8.66
N PRO D 60 24.69 31.50 -7.67
CA PRO D 60 25.78 32.48 -7.91
C PRO D 60 26.90 31.96 -8.81
N ALA D 61 27.47 32.85 -9.62
CA ALA D 61 28.56 32.50 -10.56
C ALA D 61 29.85 31.99 -9.92
N ARG D 62 29.99 32.18 -8.61
CA ARG D 62 31.15 31.65 -7.87
C ARG D 62 31.12 30.12 -7.79
N PHE D 63 29.98 29.52 -8.12
CA PHE D 63 29.87 28.07 -8.15
C PHE D 63 30.18 27.51 -9.53
N SER D 64 30.82 26.36 -9.53
CA SER D 64 31.09 25.62 -10.76
C SER D 64 31.27 24.14 -10.42
N GLY D 65 31.18 23.29 -11.43
CA GLY D 65 31.40 21.87 -11.26
C GLY D 65 31.99 21.31 -12.53
N SER D 66 32.63 20.15 -12.42
CA SER D 66 33.16 19.43 -13.58
C SER D 66 33.51 18.00 -13.19
N GLY D 67 33.84 17.19 -14.19
CA GLY D 67 34.23 15.81 -13.97
C GLY D 67 33.79 14.87 -15.07
N SER D 68 34.05 13.58 -14.85
CA SER D 68 33.62 12.50 -15.75
C SER D 68 34.03 11.16 -15.13
N GLY D 69 33.59 10.07 -15.76
CA GLY D 69 33.90 8.73 -15.28
C GLY D 69 33.43 8.56 -13.85
N THR D 70 34.40 8.42 -12.95
CA THR D 70 34.12 8.18 -11.54
C THR D 70 34.46 9.40 -10.67
N SER D 71 34.98 10.45 -11.27
CA SER D 71 35.52 11.59 -10.50
C SER D 71 34.85 12.92 -10.83
N TYR D 72 34.22 13.52 -9.82
CA TYR D 72 33.45 14.76 -9.97
C TYR D 72 33.76 15.73 -8.83
N SER D 73 33.55 17.02 -9.07
CA SER D 73 33.78 18.01 -8.03
C SER D 73 32.83 19.20 -8.14
N LEU D 74 32.63 19.88 -7.01
CA LEU D 74 31.96 21.17 -6.95
C LEU D 74 32.96 22.18 -6.37
N THR D 75 33.09 23.33 -7.02
CA THR D 75 34.05 24.35 -6.59
C THR D 75 33.38 25.69 -6.35
N ILE D 76 33.71 26.33 -5.23
CA ILE D 76 33.32 27.71 -4.96
C ILE D 76 34.59 28.57 -5.02
N SER D 77 34.65 29.49 -5.99
CA SER D 77 35.87 30.26 -6.26
C SER D 77 36.28 31.15 -5.11
N SER D 78 35.30 31.75 -4.44
CA SER D 78 35.51 32.61 -3.28
C SER D 78 34.31 32.46 -2.35
N VAL D 79 34.50 31.69 -1.29
CA VAL D 79 33.42 31.34 -0.35
C VAL D 79 32.82 32.58 0.34
N GLU D 80 31.51 32.56 0.51
CA GLU D 80 30.80 33.59 1.26
C GLU D 80 30.14 33.00 2.50
N THR D 81 29.74 33.87 3.42
CA THR D 81 29.04 33.48 4.65
C THR D 81 27.80 32.63 4.40
N GLU D 82 27.03 32.97 3.36
CA GLU D 82 25.77 32.29 3.02
C GLU D 82 25.96 30.87 2.46
N ASP D 83 27.20 30.46 2.21
CA ASP D 83 27.48 29.16 1.59
C ASP D 83 27.56 28.02 2.61
N ALA D 84 27.47 28.36 3.90
CA ALA D 84 27.39 27.37 4.98
C ALA D 84 26.16 26.48 4.78
N ALA D 85 26.40 25.22 4.47
CA ALA D 85 25.35 24.27 4.10
C ALA D 85 25.95 22.88 3.92
N THR D 86 25.09 21.91 3.61
CA THR D 86 25.54 20.58 3.21
C THR D 86 25.28 20.43 1.71
N TYR D 87 26.28 19.94 0.98
CA TYR D 87 26.14 19.72 -0.46
C TYR D 87 26.15 18.22 -0.73
N TYR D 88 25.12 17.75 -1.44
CA TYR D 88 24.96 16.34 -1.76
C TYR D 88 25.10 16.11 -3.25
N CYS D 89 25.85 15.09 -3.65
CA CYS D 89 25.83 14.69 -5.05
C CYS D 89 24.78 13.59 -5.28
N GLN D 90 24.41 13.39 -6.53
CA GLN D 90 23.32 12.46 -6.87
C GLN D 90 23.40 11.95 -8.31
N HIS D 91 23.17 10.65 -8.50
CA HIS D 91 23.16 10.05 -9.85
C HIS D 91 22.24 8.84 -9.87
N TYR D 92 21.39 8.78 -10.89
CA TYR D 92 20.41 7.70 -11.02
C TYR D 92 21.06 6.31 -11.14
N SER D 93 22.28 6.27 -11.66
CA SER D 93 23.01 5.00 -11.82
C SER D 93 23.61 4.48 -10.52
N ALA D 94 23.66 5.32 -9.49
CA ALA D 94 24.15 4.89 -8.18
C ALA D 94 23.09 4.08 -7.44
N TYR D 95 23.50 2.93 -6.90
CA TYR D 95 22.59 2.03 -6.17
C TYR D 95 23.36 1.25 -5.10
N PRO D 96 22.70 0.92 -3.97
CA PRO D 96 21.29 1.16 -3.61
C PRO D 96 20.94 2.61 -3.22
N ARG D 97 21.93 3.49 -3.14
CA ARG D 97 21.66 4.89 -2.79
C ARG D 97 22.02 5.84 -3.92
N THR D 98 21.03 6.60 -4.39
CA THR D 98 21.25 7.57 -5.46
C THR D 98 22.01 8.82 -4.99
N PHE D 99 21.92 9.13 -3.69
CA PHE D 99 22.61 10.30 -3.12
C PHE D 99 23.94 9.92 -2.48
N GLY D 100 24.93 10.80 -2.61
CA GLY D 100 26.13 10.73 -1.77
C GLY D 100 25.78 11.14 -0.34
N GLY D 101 26.69 10.86 0.60
CA GLY D 101 26.47 11.17 2.01
C GLY D 101 26.52 12.64 2.38
N GLY D 102 27.00 13.46 1.45
CA GLY D 102 27.10 14.91 1.63
C GLY D 102 28.40 15.42 2.24
N THR D 103 28.75 16.65 1.88
CA THR D 103 29.84 17.38 2.54
C THR D 103 29.28 18.66 3.18
N LYS D 104 29.47 18.76 4.50
CA LYS D 104 29.06 19.95 5.26
C LYS D 104 30.18 20.99 5.22
N LEU D 105 29.85 22.17 4.70
CA LEU D 105 30.79 23.28 4.62
C LEU D 105 30.58 24.25 5.79
N GLU D 106 31.57 24.34 6.68
CA GLU D 106 31.57 25.32 7.75
C GLU D 106 32.33 26.56 7.31
N ILE D 107 31.78 27.74 7.64
CA ILE D 107 32.46 29.00 7.36
C ILE D 107 33.10 29.53 8.63
N LYS D 108 34.37 29.93 8.51
CA LYS D 108 35.09 30.53 9.62
C LYS D 108 34.69 31.98 9.83
N ARG D 109 34.78 32.42 11.08
CA ARG D 109 34.54 33.81 11.43
C ARG D 109 35.42 34.16 12.61
N ALA D 110 35.42 35.43 12.99
CA ALA D 110 36.18 35.88 14.16
C ALA D 110 35.67 35.22 15.45
N ASP D 111 36.58 34.99 16.39
CA ASP D 111 36.22 34.37 17.66
C ASP D 111 35.14 35.18 18.38
N ALA D 112 34.20 34.46 19.00
CA ALA D 112 33.12 35.10 19.74
C ALA D 112 32.84 34.31 21.00
N ALA D 113 32.94 34.98 22.15
CA ALA D 113 32.59 34.39 23.42
C ALA D 113 31.08 34.18 23.49
N PRO D 114 30.64 33.09 24.14
CA PRO D 114 29.21 32.82 24.26
C PRO D 114 28.51 33.84 25.17
N THR D 115 27.26 34.12 24.85
CA THR D 115 26.39 34.84 25.76
C THR D 115 25.64 33.79 26.56
N VAL D 116 25.91 33.76 27.85
CA VAL D 116 25.38 32.75 28.75
C VAL D 116 24.23 33.33 29.56
N SER D 117 23.13 32.59 29.62
CA SER D 117 21.96 32.96 30.41
C SER D 117 21.50 31.74 31.20
N ILE D 118 21.18 31.94 32.48
CA ILE D 118 20.69 30.86 33.33
C ILE D 118 19.28 31.14 33.83
N PHE D 119 18.45 30.11 33.85
CA PHE D 119 17.06 30.23 34.25
C PHE D 119 16.72 29.20 35.32
N PRO D 120 16.17 29.65 36.46
CA PRO D 120 15.68 28.72 37.48
C PRO D 120 14.48 27.95 36.92
N PRO D 121 14.13 26.81 37.53
CA PRO D 121 12.90 26.14 37.12
C PRO D 121 11.71 27.09 37.15
N SER D 122 10.83 26.95 36.16
CA SER D 122 9.55 27.66 36.17
C SER D 122 8.78 27.23 37.41
N SER D 123 8.15 28.19 38.10
CA SER D 123 7.32 27.87 39.26
C SER D 123 6.19 26.91 38.87
N GLU D 124 5.71 27.05 37.63
CA GLU D 124 4.70 26.15 37.08
C GLU D 124 5.20 24.72 36.88
N GLN D 125 6.49 24.55 36.62
CA GLN D 125 7.05 23.21 36.51
C GLN D 125 7.18 22.57 37.89
N LEU D 126 7.64 23.34 38.87
CA LEU D 126 7.72 22.90 40.26
C LEU D 126 6.36 22.43 40.75
N THR D 127 5.32 23.11 40.28
CA THR D 127 3.92 22.71 40.51
C THR D 127 3.62 21.27 40.06
N SER D 128 4.29 20.82 38.99
CA SER D 128 4.07 19.49 38.42
C SER D 128 5.07 18.43 38.92
N GLY D 129 5.84 18.77 39.95
CA GLY D 129 6.76 17.82 40.59
C GLY D 129 8.15 17.72 39.98
N GLY D 130 8.40 18.47 38.90
CA GLY D 130 9.69 18.44 38.22
C GLY D 130 10.45 19.75 38.35
N ALA D 131 11.75 19.71 38.07
CA ALA D 131 12.59 20.89 38.14
C ALA D 131 13.69 20.85 37.08
N SER D 132 13.59 21.77 36.12
CA SER D 132 14.59 21.89 35.06
C SER D 132 15.29 23.24 35.13
N VAL D 133 16.59 23.21 35.35
CA VAL D 133 17.40 24.43 35.30
C VAL D 133 17.99 24.52 33.89
N VAL D 134 17.73 25.64 33.22
CA VAL D 134 18.16 25.81 31.82
C VAL D 134 19.25 26.86 31.68
N CYS D 135 20.27 26.51 30.89
CA CYS D 135 21.36 27.40 30.56
C CYS D 135 21.49 27.53 29.05
N PHE D 136 21.36 28.75 28.53
CA PHE D 136 21.64 29.00 27.12
C PHE D 136 23.04 29.55 26.96
N LEU D 137 23.77 29.02 25.98
CA LEU D 137 25.11 29.52 25.62
C LEU D 137 25.07 29.88 24.15
N ASN D 138 24.93 31.18 23.89
CA ASN D 138 24.48 31.64 22.59
C ASN D 138 25.53 32.38 21.78
N ASN D 139 25.49 32.14 20.47
CA ASN D 139 26.25 32.91 19.48
C ASN D 139 27.76 32.95 19.70
N PHE D 140 28.36 31.77 19.87
CA PHE D 140 29.81 31.66 20.05
C PHE D 140 30.52 31.09 18.81
N TYR D 141 31.83 31.28 18.75
CA TYR D 141 32.71 30.68 17.74
C TYR D 141 34.13 30.65 18.31
N PRO D 142 34.89 29.55 18.09
CA PRO D 142 34.56 28.32 17.36
C PRO D 142 33.57 27.39 18.05
N LYS D 143 33.28 26.26 17.41
CA LYS D 143 32.23 25.31 17.86
C LYS D 143 32.53 24.64 19.20
N ASP D 144 33.80 24.38 19.48
CA ASP D 144 34.20 23.62 20.67
C ASP D 144 33.96 24.38 21.98
N ILE D 145 33.23 23.75 22.90
CA ILE D 145 32.86 24.37 24.17
C ILE D 145 32.52 23.30 25.23
N ASN D 146 32.92 23.56 26.47
CA ASN D 146 32.58 22.69 27.60
C ASN D 146 31.67 23.38 28.61
N VAL D 147 30.61 22.67 29.01
CA VAL D 147 29.65 23.18 29.98
C VAL D 147 29.72 22.36 31.27
N LYS D 148 29.77 23.06 32.39
CA LYS D 148 29.86 22.43 33.70
C LYS D 148 28.76 22.95 34.61
N TRP D 149 28.01 22.03 35.23
CA TRP D 149 26.95 22.36 36.17
C TRP D 149 27.42 22.18 37.60
N LYS D 150 27.21 23.18 38.44
CA LYS D 150 27.57 23.09 39.85
C LYS D 150 26.38 23.38 40.78
N ILE D 151 26.14 22.45 41.69
CA ILE D 151 25.11 22.60 42.72
C ILE D 151 25.80 22.80 44.06
N ASP D 152 25.63 23.99 44.63
CA ASP D 152 26.32 24.40 45.86
C ASP D 152 27.83 24.12 45.80
N GLY D 153 28.44 24.49 44.68
CA GLY D 153 29.88 24.34 44.49
C GLY D 153 30.36 23.01 43.96
N SER D 154 29.52 21.98 44.06
CA SER D 154 29.89 20.63 43.62
C SER D 154 29.39 20.31 42.22
N GLU D 155 30.26 19.75 41.39
CA GLU D 155 29.91 19.36 40.03
C GLU D 155 28.80 18.31 40.01
N ARG D 156 27.79 18.54 39.19
CA ARG D 156 26.72 17.58 38.94
C ARG D 156 26.74 17.15 37.48
N GLN D 157 26.76 15.83 37.26
CA GLN D 157 26.87 15.29 35.92
C GLN D 157 25.61 14.55 35.50
N ASN D 158 24.94 13.92 36.46
CA ASN D 158 23.69 13.21 36.21
C ASN D 158 22.52 14.17 35.97
N GLY D 159 21.65 13.80 35.04
CA GLY D 159 20.44 14.56 34.74
C GLY D 159 20.64 15.78 33.85
N VAL D 160 21.81 15.89 33.22
CA VAL D 160 22.12 16.97 32.30
C VAL D 160 21.91 16.52 30.85
N LEU D 161 21.22 17.34 30.07
CA LEU D 161 21.05 17.09 28.64
C LEU D 161 21.45 18.32 27.82
N ASN D 162 22.22 18.09 26.77
CA ASN D 162 22.70 19.17 25.92
C ASN D 162 22.14 19.08 24.50
N SER D 163 21.99 20.24 23.88
CA SER D 163 21.54 20.32 22.50
C SER D 163 22.24 21.47 21.77
N TRP D 164 22.67 21.20 20.54
CA TRP D 164 23.47 22.14 19.74
C TRP D 164 22.75 22.53 18.46
N THR D 165 22.78 23.81 18.12
CA THR D 165 22.27 24.27 16.81
C THR D 165 23.33 24.03 15.73
N ASP D 166 22.90 24.01 14.48
CA ASP D 166 23.82 24.03 13.36
C ASP D 166 24.38 25.45 13.24
N GLN D 167 25.47 25.60 12.50
CA GLN D 167 26.04 26.92 12.27
C GLN D 167 25.01 27.87 11.67
N ASP D 168 24.93 29.06 12.23
CA ASP D 168 24.03 30.10 11.75
C ASP D 168 24.49 30.55 10.37
N SER D 169 23.54 30.64 9.43
CA SER D 169 23.86 30.98 8.04
C SER D 169 24.10 32.48 7.83
N LYS D 170 23.68 33.29 8.79
CA LYS D 170 23.82 34.74 8.71
C LYS D 170 25.07 35.28 9.42
N ASP D 171 25.38 34.74 10.60
CA ASP D 171 26.53 35.23 11.38
C ASP D 171 27.61 34.18 11.69
N SER D 172 27.39 32.95 11.21
CA SER D 172 28.39 31.85 11.33
C SER D 172 28.66 31.36 12.76
N THR D 173 27.83 31.79 13.72
CA THR D 173 28.00 31.38 15.11
C THR D 173 27.29 30.07 15.45
N TYR D 174 27.64 29.49 16.59
CA TYR D 174 26.98 28.31 17.13
C TYR D 174 26.27 28.65 18.44
N SER D 175 25.23 27.88 18.77
CA SER D 175 24.56 28.02 20.05
C SER D 175 24.30 26.65 20.68
N MET D 176 24.20 26.65 22.00
CA MET D 176 24.00 25.43 22.74
C MET D 176 23.05 25.67 23.91
N SER D 177 22.23 24.67 24.18
CA SER D 177 21.35 24.66 25.34
C SER D 177 21.78 23.54 26.27
N SER D 178 21.79 23.84 27.56
CA SER D 178 22.11 22.85 28.58
C SER D 178 21.03 22.89 29.65
N THR D 179 20.41 21.74 29.90
CA THR D 179 19.32 21.64 30.87
C THR D 179 19.65 20.60 31.93
N LEU D 180 19.56 21.02 33.19
CA LEU D 180 19.74 20.14 34.33
C LEU D 180 18.37 19.83 34.94
N THR D 181 17.97 18.56 34.90
CA THR D 181 16.68 18.15 35.44
C THR D 181 16.85 17.35 36.72
N LEU D 182 16.17 17.81 37.77
CA LEU D 182 16.12 17.13 39.06
C LEU D 182 14.66 17.01 39.47
N THR D 183 14.40 16.27 40.55
CA THR D 183 13.07 16.28 41.18
C THR D 183 12.89 17.60 41.90
N LYS D 184 11.63 18.01 42.09
CA LYS D 184 11.31 19.21 42.85
C LYS D 184 11.97 19.16 44.23
N ASP D 185 11.91 17.99 44.86
CA ASP D 185 12.46 17.77 46.19
C ASP D 185 14.00 17.87 46.25
N GLU D 186 14.67 17.38 45.22
CA GLU D 186 16.13 17.50 45.09
C GLU D 186 16.54 18.96 44.94
N TYR D 187 15.79 19.68 44.09
CA TYR D 187 16.02 21.11 43.84
C TYR D 187 15.84 21.94 45.11
N GLU D 188 14.86 21.56 45.93
CA GLU D 188 14.52 22.28 47.16
C GLU D 188 15.56 22.12 48.27
N ARG D 189 16.37 21.06 48.18
CA ARG D 189 17.37 20.76 49.20
C ARG D 189 18.73 21.44 48.97
N HIS D 190 18.79 22.32 47.97
CA HIS D 190 20.04 23.02 47.62
C HIS D 190 19.79 24.48 47.27
N ASN D 191 20.83 25.30 47.36
CA ASN D 191 20.68 26.75 47.20
C ASN D 191 21.26 27.35 45.91
N SER D 192 22.55 27.13 45.67
CA SER D 192 23.22 27.77 44.54
C SER D 192 23.38 26.86 43.33
N TYR D 193 23.00 27.38 42.16
CA TYR D 193 23.05 26.66 40.91
C TYR D 193 23.86 27.44 39.90
N THR D 194 24.86 26.79 39.31
CA THR D 194 25.82 27.48 38.45
C THR D 194 26.02 26.77 37.12
N CYS D 195 26.04 27.55 36.06
CA CYS D 195 26.39 27.08 34.72
C CYS D 195 27.73 27.70 34.32
N GLU D 196 28.70 26.83 33.98
CA GLU D 196 30.07 27.27 33.66
C GLU D 196 30.45 26.91 32.23
N ALA D 197 30.87 27.91 31.46
CA ALA D 197 31.30 27.68 30.08
C ALA D 197 32.80 27.87 29.92
N THR D 198 33.46 26.81 29.44
CA THR D 198 34.87 26.89 29.06
C THR D 198 34.97 26.98 27.54
N HIS D 199 35.51 28.10 27.08
CA HIS D 199 35.63 28.38 25.65
C HIS D 199 36.99 29.02 25.40
N LYS D 200 37.56 28.81 24.22
CA LYS D 200 38.92 29.28 23.91
C LYS D 200 39.11 30.80 23.99
N THR D 201 38.00 31.55 24.05
CA THR D 201 38.06 33.01 24.09
C THR D 201 38.58 33.57 25.41
N SER D 202 38.46 32.81 26.49
CA SER D 202 39.02 33.21 27.79
C SER D 202 39.56 32.01 28.55
N THR D 203 40.68 32.21 29.24
CA THR D 203 41.30 31.16 30.04
C THR D 203 40.46 30.78 31.26
N SER D 204 39.66 31.74 31.73
CA SER D 204 38.75 31.51 32.85
C SER D 204 37.34 31.25 32.31
N PRO D 205 36.60 30.31 32.93
CA PRO D 205 35.26 30.00 32.45
C PRO D 205 34.28 31.16 32.67
N ILE D 206 33.26 31.24 31.81
CA ILE D 206 32.17 32.19 32.00
C ILE D 206 31.14 31.56 32.94
N VAL D 207 30.92 32.21 34.08
CA VAL D 207 30.02 31.67 35.11
C VAL D 207 28.76 32.51 35.28
N LYS D 208 27.62 31.82 35.27
CA LYS D 208 26.33 32.43 35.59
C LYS D 208 25.63 31.57 36.62
N SER D 209 25.11 32.20 37.67
CA SER D 209 24.49 31.46 38.76
C SER D 209 23.34 32.21 39.40
N PHE D 210 22.61 31.51 40.28
CA PHE D 210 21.55 32.10 41.07
C PHE D 210 21.39 31.34 42.39
N ASN D 211 20.79 31.99 43.37
CA ASN D 211 20.46 31.36 44.64
C ASN D 211 18.96 31.14 44.73
N ARG D 212 18.58 29.94 45.19
CA ARG D 212 17.17 29.59 45.33
C ARG D 212 16.52 30.36 46.50
N ASN D 213 17.20 30.39 47.65
CA ASN D 213 16.64 30.95 48.88
C ASN D 213 16.49 32.47 48.88
N GLU D 214 17.34 33.16 48.13
CA GLU D 214 17.29 34.62 48.05
C GLU D 214 17.49 35.16 46.64
N CYS D 215 16.41 35.71 46.09
CA CYS D 215 16.39 36.38 44.77
C CYS D 215 16.92 35.51 43.61
#